data_6I96
#
_entry.id   6I96
#
_cell.length_a   94.890
_cell.length_b   94.890
_cell.length_c   177.612
_cell.angle_alpha   90.000
_cell.angle_beta   90.000
_cell.angle_gamma   120.000
#
_symmetry.space_group_name_H-M   'P 32 2 1'
#
loop_
_entity.id
_entity.type
_entity.pdbx_description
1 polymer 'Ferric hydroxamate uptake'
2 non-polymer 'Ferrioxamine B'
3 non-polymer 'nonyl beta-D-glucopyranoside'
4 non-polymer GLYCEROL
5 non-polymer 'SULFATE ION'
6 non-polymer 'SODIUM ION'
7 water water
#
_entity_poly.entity_id   1
_entity_poly.type   'polypeptide(L)'
_entity_poly.pdbx_seq_one_letter_code
;VFALGNNLGSTDGYLATHSQIATKTSKPLLETSQTVSVITREQIDDTASKTVQQAMRYTPGIFTGQVGASNRYDYVVMRG
FADNSVDNIYLDGLKAMGDSGTFSSMQVDPYFLERIDVLKGPSSVLYGRSLPGGLVALTSKKPLYEDYRQITGSIGNMGQ
KEMGFDFSGPLDEEKRIAYRLIGLGKGSDTQFDHVKEERYAIAPTLAIDFSDDTTLTLQGYLQHDPNGGYHGGVPADGTL
SHHNGRHISREFFDGEPSKDDFDRTQRMFGYQLEHRIDDVWSARQNFRYLDSDVDLSQVYAYGWSASEPNKLNRYFSGAR
EHLQAYIVDNMLQAEFATGAARHTLLTGLDYQRRRTVVDWRSGSASALDAFNPVYGDDAISYFPDDNHTRRLEQTGVYLQ
DLIDIDQWRFSLGLRQDWVSVTDKNRSTGSKADDDWEKFTGRIGALYLFDNGLAPYVSYSESFNPNAYSDASGTPLAPTE
GKQWELGLKFQAPGSNSFYTASLFHITQENVASKEPQDNFYTSVGEVRSQGLELEAHTQLSDNLKLLGSYTYTDITYTKS
LDGNQGHTPNQAPKHMASLWADYAFDAGPLSGLSIGGGARYVGETWADKENTLRVPDYTLVDARIGYDLGKLGLKGLDVS
LNANNLLDKDYVASCYSLDFCYFGEKRNVTATVNYQF
;
_entity_poly.pdbx_strand_id   A
#
loop_
_chem_comp.id
_chem_comp.type
_chem_comp.name
_chem_comp.formula
0UE non-polymer 'Ferrioxamine B' 'C25 H45 Fe N6 O8'
BNG D-saccharide 'nonyl beta-D-glucopyranoside' 'C15 H30 O6'
GOL non-polymer GLYCEROL 'C3 H8 O3'
NA non-polymer 'SODIUM ION' 'Na 1'
SO4 non-polymer 'SULFATE ION' 'O4 S -2'
#
# COMPACT_ATOMS: atom_id res chain seq x y z
N VAL A 1 8.47 13.37 -24.01
CA VAL A 1 7.13 13.99 -23.67
C VAL A 1 6.39 12.85 -22.97
N PHE A 2 5.12 12.67 -23.37
CA PHE A 2 4.38 11.34 -23.39
C PHE A 2 3.34 11.11 -22.21
N ALA A 3 2.17 11.65 -22.41
CA ALA A 3 1.24 11.76 -21.33
C ALA A 3 0.70 10.36 -20.90
N LEU A 4 0.54 9.49 -21.86
CA LEU A 4 -0.15 8.23 -21.67
C LEU A 4 0.54 7.33 -20.72
N GLY A 5 -0.10 7.03 -19.58
CA GLY A 5 0.46 6.16 -18.60
C GLY A 5 1.57 6.78 -17.77
N ASN A 6 1.83 8.07 -17.90
CA ASN A 6 2.92 8.74 -17.14
C ASN A 6 2.40 9.85 -16.28
N ASN A 7 3.01 10.03 -15.11
CA ASN A 7 2.62 11.16 -14.25
C ASN A 7 2.96 12.51 -14.86
N LEU A 8 4.21 12.59 -15.30
CA LEU A 8 4.87 13.84 -15.77
C LEU A 8 4.71 14.88 -14.67
N GLY A 9 4.50 16.11 -15.08
CA GLY A 9 4.51 17.29 -14.20
C GLY A 9 5.79 17.48 -13.48
N SER A 10 5.75 18.09 -12.33
CA SER A 10 6.99 18.21 -11.57
C SER A 10 6.77 17.90 -10.13
N THR A 11 7.85 17.80 -9.38
CA THR A 11 7.74 17.74 -7.94
C THR A 11 8.82 18.66 -7.38
N ASP A 12 8.52 19.22 -6.24
CA ASP A 12 9.43 20.08 -5.54
C ASP A 12 9.14 19.81 -4.11
N GLY A 13 10.14 19.33 -3.37
CA GLY A 13 9.97 19.04 -1.98
C GLY A 13 8.98 17.91 -1.86
N TYR A 14 7.96 18.08 -1.06
CA TYR A 14 6.98 17.05 -0.81
C TYR A 14 5.77 17.13 -1.77
N LEU A 15 5.78 18.04 -2.70
CA LEU A 15 4.57 18.31 -3.51
C LEU A 15 4.77 17.95 -4.97
N ALA A 16 3.91 17.08 -5.51
CA ALA A 16 3.87 16.77 -6.98
C ALA A 16 2.76 17.65 -7.62
N THR A 17 2.85 18.00 -8.89
CA THR A 17 1.78 18.72 -9.54
C THR A 17 0.80 17.89 -10.34
N HIS A 18 1.26 16.75 -10.85
CA HIS A 18 0.43 15.94 -11.74
C HIS A 18 0.39 14.48 -11.26
N SER A 19 -0.55 13.73 -11.79
CA SER A 19 -0.55 12.31 -11.64
C SER A 19 -1.23 11.69 -12.85
N GLN A 20 -0.97 10.38 -13.02
CA GLN A 20 -1.81 9.56 -13.87
C GLN A 20 -2.67 8.49 -13.16
N ILE A 21 -2.59 8.43 -11.83
CA ILE A 21 -3.26 7.40 -11.11
C ILE A 21 -4.78 7.34 -11.38
N ALA A 22 -5.42 8.49 -11.55
CA ALA A 22 -6.83 8.57 -11.63
C ALA A 22 -7.33 8.52 -13.03
N THR A 23 -6.43 8.58 -13.97
CA THR A 23 -6.78 8.84 -15.37
C THR A 23 -5.99 7.99 -16.39
N LYS A 24 -4.95 7.28 -15.93
CA LYS A 24 -4.05 6.61 -16.91
C LYS A 24 -3.34 7.51 -17.99
N THR A 25 -3.39 8.80 -17.73
CA THR A 25 -2.74 9.82 -18.59
C THR A 25 -2.43 11.08 -17.76
N SER A 26 -1.29 11.72 -17.93
CA SER A 26 -0.83 12.78 -17.06
C SER A 26 -1.93 13.92 -17.00
N LYS A 27 -2.30 14.31 -15.78
CA LYS A 27 -3.34 15.28 -15.55
C LYS A 27 -2.91 16.07 -14.27
N PRO A 28 -2.94 17.43 -14.32
CA PRO A 28 -2.72 18.18 -13.07
C PRO A 28 -3.62 17.68 -11.97
N LEU A 29 -3.07 17.59 -10.74
CA LEU A 29 -3.89 17.23 -9.58
C LEU A 29 -5.10 18.20 -9.46
N LEU A 30 -4.84 19.48 -9.77
CA LEU A 30 -5.80 20.57 -9.60
C LEU A 30 -6.98 20.42 -10.51
N GLU A 31 -6.84 19.67 -11.59
CA GLU A 31 -7.87 19.52 -12.61
C GLU A 31 -8.40 18.08 -12.69
N THR A 32 -8.16 17.32 -11.66
CA THR A 32 -8.60 15.89 -11.55
C THR A 32 -9.71 15.80 -10.52
N SER A 33 -10.87 15.29 -10.92
CA SER A 33 -12.08 15.18 -10.04
C SER A 33 -12.09 13.91 -9.17
N GLN A 34 -10.98 13.68 -8.45
CA GLN A 34 -10.87 12.63 -7.47
C GLN A 34 -9.86 13.08 -6.45
N THR A 35 -9.82 12.40 -5.33
CA THR A 35 -8.84 12.68 -4.35
C THR A 35 -7.57 11.89 -4.63
N VAL A 36 -6.48 12.61 -4.85
CA VAL A 36 -5.22 11.99 -5.15
C VAL A 36 -4.15 12.61 -4.25
N SER A 37 -3.37 11.79 -3.56
CA SER A 37 -2.22 12.20 -2.82
C SER A 37 -0.99 11.71 -3.46
N VAL A 38 0.13 12.45 -3.30
CA VAL A 38 1.42 11.97 -3.82
C VAL A 38 2.46 12.12 -2.75
N ILE A 39 3.21 11.06 -2.52
CA ILE A 39 4.26 10.96 -1.59
C ILE A 39 5.51 10.80 -2.38
N THR A 40 6.37 11.75 -2.20
CA THR A 40 7.58 11.93 -2.93
C THR A 40 8.70 11.17 -2.33
N ARG A 41 9.72 10.94 -3.15
CA ARG A 41 10.94 10.25 -2.72
C ARG A 41 11.53 11.02 -1.50
N GLU A 42 11.53 12.33 -1.58
CA GLU A 42 12.01 13.16 -0.46
C GLU A 42 11.28 12.95 0.79
N GLN A 43 9.97 12.82 0.74
CA GLN A 43 9.18 12.53 1.94
C GLN A 43 9.50 11.16 2.52
N ILE A 44 9.69 10.19 1.64
CA ILE A 44 9.98 8.85 2.07
C ILE A 44 11.32 8.90 2.83
N ASP A 45 12.34 9.54 2.22
CA ASP A 45 13.72 9.60 2.83
C ASP A 45 13.67 10.43 4.12
N ASP A 46 13.00 11.56 4.09
CA ASP A 46 13.01 12.46 5.28
C ASP A 46 12.35 11.91 6.50
N THR A 47 11.23 11.19 6.33
CA THR A 47 10.51 10.51 7.45
C THR A 47 11.12 9.11 7.79
N ALA A 48 12.15 8.67 7.07
CA ALA A 48 12.73 7.34 7.25
C ALA A 48 11.60 6.28 7.25
N SER A 49 10.81 6.26 6.18
CA SER A 49 9.72 5.33 6.17
C SER A 49 10.36 4.09 5.61
N LYS A 50 10.27 2.99 6.29
CA LYS A 50 11.05 1.81 5.91
C LYS A 50 10.26 0.84 5.06
N THR A 51 8.96 1.01 4.97
CA THR A 51 8.14 0.31 4.04
C THR A 51 7.14 1.22 3.34
N VAL A 52 6.49 0.72 2.27
CA VAL A 52 5.39 1.46 1.67
C VAL A 52 4.33 1.81 2.67
N GLN A 53 3.97 0.86 3.51
CA GLN A 53 2.93 1.07 4.48
C GLN A 53 3.35 2.23 5.39
N GLN A 54 4.58 2.21 5.87
CA GLN A 54 5.03 3.29 6.78
C GLN A 54 5.10 4.64 6.03
N ALA A 55 5.39 4.66 4.70
CA ALA A 55 5.40 5.91 3.94
C ALA A 55 4.08 6.66 3.91
N MET A 56 2.97 5.96 4.19
CA MET A 56 1.65 6.53 4.08
C MET A 56 1.17 7.14 5.35
N ARG A 57 2.00 7.18 6.35
CA ARG A 57 1.52 7.60 7.72
C ARG A 57 1.21 9.06 7.90
N TYR A 58 1.59 9.91 6.94
CA TYR A 58 1.25 11.28 6.97
C TYR A 58 0.21 11.60 5.98
N THR A 59 -0.47 10.63 5.38
CA THR A 59 -1.46 10.90 4.33
C THR A 59 -2.83 10.69 4.91
N PRO A 60 -3.80 11.57 4.61
CA PRO A 60 -5.14 11.41 5.16
C PRO A 60 -5.90 10.29 4.53
N GLY A 61 -6.85 9.77 5.29
CA GLY A 61 -7.70 8.63 4.86
C GLY A 61 -7.05 7.25 4.84
N ILE A 62 -5.88 7.12 5.40
CA ILE A 62 -5.07 5.90 5.36
C ILE A 62 -4.76 5.56 6.85
N PHE A 63 -5.12 4.37 7.32
CA PHE A 63 -4.66 3.84 8.61
C PHE A 63 -3.54 2.86 8.38
N THR A 64 -2.37 3.12 9.02
CA THR A 64 -1.18 2.31 8.87
C THR A 64 -0.86 1.41 10.10
N GLY A 65 -1.87 1.12 10.91
CA GLY A 65 -1.65 0.15 11.99
C GLY A 65 -2.29 -1.23 12.02
N GLN A 66 -2.77 -1.74 10.91
CA GLN A 66 -3.53 -2.97 10.90
C GLN A 66 -2.86 -4.17 11.64
N VAL A 67 -1.57 -4.31 11.54
CA VAL A 67 -0.90 -5.42 12.23
C VAL A 67 0.28 -4.81 13.02
N GLY A 68 0.13 -3.55 13.42
CA GLY A 68 1.08 -2.84 14.22
C GLY A 68 2.45 -2.87 13.63
N ALA A 69 3.48 -3.12 14.44
CA ALA A 69 4.82 -3.09 14.02
C ALA A 69 5.26 -4.04 12.92
N SER A 70 4.45 -5.00 12.51
CA SER A 70 4.89 -5.93 11.50
C SER A 70 5.33 -5.26 10.15
N ASN A 71 6.43 -5.74 9.53
CA ASN A 71 6.88 -5.26 8.23
C ASN A 71 6.82 -6.33 7.15
N ARG A 72 6.10 -7.38 7.37
CA ARG A 72 6.15 -8.47 6.42
C ARG A 72 5.31 -8.15 5.15
N TYR A 73 4.16 -7.55 5.32
CA TYR A 73 3.30 -7.24 4.21
C TYR A 73 2.92 -5.73 4.38
N ASP A 74 2.53 -5.10 3.31
CA ASP A 74 2.05 -3.72 3.30
C ASP A 74 0.47 -3.74 3.32
N TYR A 75 -0.06 -3.32 4.49
CA TYR A 75 -1.47 -3.24 4.77
C TYR A 75 -1.85 -1.76 4.79
N VAL A 76 -2.66 -1.33 3.82
CA VAL A 76 -3.04 0.08 3.62
C VAL A 76 -4.50 0.11 3.72
N VAL A 77 -5.00 0.53 4.86
CA VAL A 77 -6.42 0.62 5.05
C VAL A 77 -6.83 2.02 4.57
N MET A 78 -7.76 2.05 3.63
CA MET A 78 -8.20 3.28 2.97
C MET A 78 -9.64 3.53 3.22
N ARG A 79 -9.96 4.69 3.80
CA ARG A 79 -11.33 5.11 4.06
C ARG A 79 -12.09 4.05 4.91
N GLY A 80 -11.31 3.40 5.75
CA GLY A 80 -11.78 2.42 6.70
C GLY A 80 -11.98 1.06 6.21
N PHE A 81 -11.61 0.77 4.96
CA PHE A 81 -11.77 -0.56 4.42
C PHE A 81 -10.58 -1.46 4.70
N ALA A 82 -10.65 -2.24 5.76
CA ALA A 82 -9.47 -3.06 6.17
C ALA A 82 -9.39 -4.48 5.46
N ASP A 83 -10.54 -5.01 5.08
CA ASP A 83 -10.58 -6.32 4.50
C ASP A 83 -10.02 -6.29 3.07
N ASN A 84 -9.09 -7.20 2.81
CA ASN A 84 -8.33 -7.30 1.63
C ASN A 84 -7.38 -6.13 1.39
N SER A 85 -7.11 -5.38 2.46
CA SER A 85 -6.10 -4.30 2.41
C SER A 85 -4.71 -4.63 1.85
N VAL A 86 -4.32 -5.89 1.84
CA VAL A 86 -3.12 -6.27 1.17
C VAL A 86 -3.20 -6.27 -0.35
N ASP A 87 -4.37 -6.05 -0.95
CA ASP A 87 -4.51 -6.13 -2.39
C ASP A 87 -4.79 -4.74 -3.09
N ASN A 88 -4.46 -3.69 -2.40
CA ASN A 88 -4.60 -2.33 -2.81
C ASN A 88 -3.38 -1.81 -3.60
N ILE A 89 -2.34 -2.61 -3.85
CA ILE A 89 -1.12 -2.06 -4.41
C ILE A 89 -0.98 -2.38 -5.89
N TYR A 90 -0.62 -1.35 -6.64
CA TYR A 90 -0.32 -1.38 -8.06
C TYR A 90 1.20 -0.92 -8.16
N LEU A 91 1.93 -1.45 -9.13
CA LEU A 91 3.28 -1.10 -9.43
C LEU A 91 3.40 -0.84 -10.88
N ASP A 92 3.88 0.37 -11.22
CA ASP A 92 4.02 0.83 -12.65
C ASP A 92 2.80 0.60 -13.49
N GLY A 93 1.71 1.00 -12.90
CA GLY A 93 0.40 0.92 -13.56
C GLY A 93 -0.30 -0.47 -13.53
N LEU A 94 0.30 -1.48 -12.88
CA LEU A 94 -0.15 -2.84 -12.98
C LEU A 94 -0.36 -3.39 -11.55
N LYS A 95 -1.52 -3.97 -11.34
CA LYS A 95 -1.80 -4.75 -10.10
C LYS A 95 -0.67 -5.64 -9.71
N ALA A 96 -0.34 -5.63 -8.46
CA ALA A 96 0.88 -6.34 -7.97
C ALA A 96 0.77 -7.91 -8.20
N MET A 97 -0.43 -8.44 -8.15
CA MET A 97 -0.81 -9.81 -8.56
C MET A 97 -0.56 -10.83 -7.50
N GLY A 98 -0.24 -10.40 -6.27
CA GLY A 98 -0.36 -11.31 -5.10
C GLY A 98 -1.75 -11.93 -4.97
N ASP A 99 -1.85 -13.01 -4.19
CA ASP A 99 -3.09 -13.70 -3.92
C ASP A 99 -3.45 -13.53 -2.43
N SER A 100 -4.40 -12.60 -2.17
CA SER A 100 -4.85 -12.29 -0.80
C SER A 100 -5.59 -13.42 -0.07
N GLY A 101 -5.94 -14.49 -0.75
CA GLY A 101 -6.38 -15.68 -0.05
C GLY A 101 -5.25 -16.63 0.36
N THR A 102 -4.00 -16.23 0.27
CA THR A 102 -2.86 -17.08 0.56
C THR A 102 -1.81 -16.21 1.30
N PHE A 103 -0.63 -16.78 1.60
CA PHE A 103 0.45 -16.07 2.14
C PHE A 103 1.27 -15.34 1.10
N SER A 104 0.98 -15.53 -0.18
CA SER A 104 1.78 -14.96 -1.24
C SER A 104 1.29 -13.53 -1.66
N SER A 105 1.46 -12.57 -0.75
CA SER A 105 1.37 -11.13 -1.04
C SER A 105 2.83 -10.63 -1.10
N MET A 106 3.10 -9.90 -2.16
CA MET A 106 4.40 -9.38 -2.50
C MET A 106 4.63 -8.07 -1.76
N GLN A 107 5.88 -7.68 -1.67
CA GLN A 107 6.16 -6.40 -1.03
C GLN A 107 7.27 -5.76 -1.91
N VAL A 108 7.05 -4.50 -2.21
CA VAL A 108 7.99 -3.67 -2.98
C VAL A 108 8.81 -2.81 -2.02
N ASP A 109 10.12 -2.93 -2.06
CA ASP A 109 10.96 -2.14 -1.19
C ASP A 109 10.95 -0.66 -1.64
N PRO A 110 10.80 0.27 -0.71
CA PRO A 110 10.74 1.71 -1.06
C PRO A 110 12.01 2.23 -1.75
N TYR A 111 13.16 1.52 -1.61
CA TYR A 111 14.35 2.05 -2.21
C TYR A 111 14.29 2.01 -3.71
N PHE A 112 13.41 1.15 -4.29
CA PHE A 112 13.22 1.12 -5.74
C PHE A 112 12.27 2.17 -6.32
N LEU A 113 11.69 3.00 -5.49
CA LEU A 113 10.52 3.85 -5.87
C LEU A 113 10.93 5.34 -5.97
N GLU A 114 10.36 6.03 -6.95
CA GLU A 114 10.50 7.42 -7.15
C GLU A 114 9.40 8.14 -6.41
N ARG A 115 8.19 7.57 -6.46
CA ARG A 115 7.02 8.18 -5.79
C ARG A 115 5.89 7.18 -5.60
N ILE A 116 4.98 7.55 -4.69
CA ILE A 116 3.80 6.77 -4.30
C ILE A 116 2.59 7.69 -4.53
N ASP A 117 1.64 7.21 -5.29
CA ASP A 117 0.42 7.95 -5.58
C ASP A 117 -0.73 7.20 -4.97
N VAL A 118 -1.69 7.92 -4.43
CA VAL A 118 -2.80 7.29 -3.68
C VAL A 118 -4.12 7.86 -4.26
N LEU A 119 -4.99 7.01 -4.72
CA LEU A 119 -6.27 7.38 -5.29
C LEU A 119 -7.37 6.89 -4.30
N LYS A 120 -8.24 7.74 -3.82
CA LYS A 120 -9.22 7.35 -2.85
C LYS A 120 -10.52 6.93 -3.49
N GLY A 121 -11.10 5.91 -2.90
CA GLY A 121 -12.42 5.47 -3.30
C GLY A 121 -12.50 4.55 -4.52
N PRO A 122 -13.70 4.08 -4.82
CA PRO A 122 -13.88 3.07 -5.81
C PRO A 122 -13.27 3.52 -7.12
N SER A 123 -12.50 2.63 -7.73
CA SER A 123 -11.73 2.95 -8.89
C SER A 123 -11.60 1.83 -9.94
N SER A 124 -12.57 0.95 -9.98
CA SER A 124 -12.46 -0.17 -10.94
C SER A 124 -12.56 0.25 -12.43
N VAL A 125 -13.08 1.42 -12.75
CA VAL A 125 -13.30 1.87 -14.13
C VAL A 125 -12.05 1.87 -14.98
N LEU A 126 -10.89 2.03 -14.37
CA LEU A 126 -9.64 1.90 -15.08
C LEU A 126 -8.85 0.64 -14.72
N TYR A 127 -9.14 -0.02 -13.59
CA TYR A 127 -8.24 -1.03 -13.04
C TYR A 127 -8.87 -2.42 -12.87
N GLY A 128 -10.17 -2.50 -12.99
CA GLY A 128 -10.91 -3.71 -12.66
C GLY A 128 -10.95 -3.97 -11.12
N ARG A 129 -10.74 -5.23 -10.71
CA ARG A 129 -10.98 -5.68 -9.38
C ARG A 129 -10.14 -4.88 -8.40
N SER A 130 -10.81 -4.31 -7.41
CA SER A 130 -10.14 -3.44 -6.46
C SER A 130 -11.20 -3.13 -5.33
N LEU A 131 -10.70 -2.46 -4.28
CA LEU A 131 -11.47 -2.26 -3.07
C LEU A 131 -12.15 -0.88 -3.03
N PRO A 132 -13.17 -0.71 -2.19
CA PRO A 132 -13.95 0.50 -2.21
C PRO A 132 -13.23 1.72 -1.61
N GLY A 133 -12.17 1.51 -0.84
CA GLY A 133 -11.36 2.61 -0.26
C GLY A 133 -10.46 3.34 -1.20
N GLY A 134 -10.16 2.71 -2.34
CA GLY A 134 -9.17 3.24 -3.25
C GLY A 134 -7.99 2.27 -3.51
N LEU A 135 -6.88 2.80 -4.00
CA LEU A 135 -5.71 1.99 -4.36
C LEU A 135 -4.49 2.88 -4.40
N VAL A 136 -3.36 2.22 -4.34
CA VAL A 136 -2.05 2.87 -4.23
C VAL A 136 -1.21 2.42 -5.44
N ALA A 137 -0.59 3.38 -6.13
CA ALA A 137 0.23 3.15 -7.32
C ALA A 137 1.66 3.58 -7.02
N LEU A 138 2.55 2.60 -7.06
CA LEU A 138 3.97 2.85 -6.89
C LEU A 138 4.61 3.10 -8.17
N THR A 139 5.48 4.09 -8.28
CA THR A 139 6.22 4.31 -9.53
C THR A 139 7.68 4.01 -9.24
N SER A 140 8.24 3.08 -10.02
CA SER A 140 9.64 2.74 -9.83
C SER A 140 10.57 3.84 -10.40
N LYS A 141 11.79 3.87 -9.91
CA LYS A 141 12.89 4.68 -10.46
C LYS A 141 13.16 4.19 -11.88
N LYS A 142 13.42 5.10 -12.79
CA LYS A 142 13.63 4.82 -14.20
C LYS A 142 15.01 5.29 -14.59
N PRO A 143 15.57 4.76 -15.74
CA PRO A 143 16.87 5.25 -16.19
C PRO A 143 16.96 6.76 -16.41
N LEU A 144 18.06 7.34 -15.94
CA LEU A 144 18.49 8.70 -16.17
C LEU A 144 19.45 8.84 -17.36
N TYR A 145 19.35 9.99 -18.02
CA TYR A 145 20.15 10.37 -19.16
C TYR A 145 21.40 11.20 -18.83
N GLU A 146 21.74 11.34 -17.55
CA GLU A 146 23.08 11.74 -17.14
C GLU A 146 23.56 10.80 -16.08
N ASP A 147 24.87 10.57 -16.04
CA ASP A 147 25.50 9.71 -15.05
C ASP A 147 25.05 10.11 -13.68
N TYR A 148 24.62 9.11 -12.90
CA TYR A 148 24.13 9.28 -11.52
C TYR A 148 24.64 8.07 -10.77
N ARG A 149 25.15 8.26 -9.56
CA ARG A 149 25.74 7.23 -8.74
C ARG A 149 25.46 7.56 -7.30
N GLN A 150 24.80 6.64 -6.58
CA GLN A 150 24.57 6.81 -5.18
C GLN A 150 24.88 5.53 -4.49
N ILE A 151 25.52 5.66 -3.35
CA ILE A 151 25.74 4.59 -2.41
C ILE A 151 25.28 5.10 -1.08
N THR A 152 24.64 4.23 -0.35
CA THR A 152 23.98 4.58 0.87
C THR A 152 24.18 3.51 1.91
N GLY A 153 24.27 3.92 3.17
CA GLY A 153 24.49 2.96 4.29
C GLY A 153 23.70 3.45 5.49
N SER A 154 23.11 2.54 6.26
CA SER A 154 22.40 2.90 7.49
C SER A 154 22.69 1.90 8.59
N ILE A 155 22.62 2.41 9.82
CA ILE A 155 22.73 1.62 10.98
C ILE A 155 21.71 2.20 11.94
N GLY A 156 21.12 1.37 12.79
CA GLY A 156 20.11 1.87 13.74
C GLY A 156 20.05 1.00 14.95
N ASN A 157 19.14 1.28 15.86
CA ASN A 157 18.82 0.35 16.93
C ASN A 157 18.12 -0.90 16.37
N MET A 158 17.89 -1.91 17.24
CA MET A 158 17.19 -3.12 16.87
C MET A 158 17.97 -3.93 15.78
N GLY A 159 19.30 -3.79 15.82
CA GLY A 159 20.21 -4.42 14.89
C GLY A 159 19.95 -4.02 13.44
N GLN A 160 19.39 -2.83 13.14
CA GLN A 160 19.09 -2.45 11.75
C GLN A 160 20.39 -2.15 11.03
N LYS A 161 20.54 -2.72 9.87
CA LYS A 161 21.55 -2.22 8.98
C LYS A 161 21.08 -2.36 7.55
N GLU A 162 21.60 -1.50 6.69
CA GLU A 162 21.25 -1.45 5.29
C GLU A 162 22.37 -0.84 4.50
N MET A 163 22.65 -1.42 3.35
CA MET A 163 23.58 -0.85 2.33
C MET A 163 22.80 -0.91 1.03
N GLY A 164 22.86 0.15 0.23
CA GLY A 164 22.32 0.15 -1.15
C GLY A 164 23.14 0.90 -2.18
N PHE A 165 22.84 0.69 -3.46
CA PHE A 165 23.42 1.51 -4.53
C PHE A 165 22.38 1.74 -5.59
N ASP A 166 22.55 2.79 -6.34
CA ASP A 166 21.64 3.21 -7.37
C ASP A 166 22.45 3.90 -8.46
N PHE A 167 22.70 3.22 -9.57
CA PHE A 167 23.55 3.75 -10.65
C PHE A 167 22.74 3.86 -11.87
N SER A 168 22.94 4.96 -12.60
CA SER A 168 22.13 5.24 -13.76
C SER A 168 22.95 6.05 -14.74
N GLY A 169 22.59 5.99 -16.02
CA GLY A 169 23.23 6.81 -17.01
C GLY A 169 23.05 6.29 -18.41
N PRO A 170 23.45 7.11 -19.40
CA PRO A 170 23.34 6.78 -20.81
C PRO A 170 24.40 5.82 -21.15
N LEU A 171 24.12 4.95 -22.10
CA LEU A 171 25.15 3.97 -22.57
C LEU A 171 25.74 4.34 -23.93
N ASP A 172 25.12 5.30 -24.62
CA ASP A 172 25.53 5.64 -25.99
C ASP A 172 25.80 7.14 -26.04
N GLU A 173 26.69 7.56 -26.92
CA GLU A 173 26.94 8.99 -27.03
C GLU A 173 25.70 9.84 -27.33
N GLU A 174 24.76 9.32 -28.11
CA GLU A 174 23.46 10.00 -28.42
C GLU A 174 22.42 10.02 -27.25
N LYS A 175 22.65 9.36 -26.10
CA LYS A 175 21.67 9.42 -25.02
C LYS A 175 20.30 8.85 -25.42
N ARG A 176 20.30 7.88 -26.30
CA ARG A 176 19.06 7.18 -26.61
C ARG A 176 18.84 5.85 -25.83
N ILE A 177 19.86 5.38 -25.15
CA ILE A 177 19.86 4.10 -24.42
C ILE A 177 20.39 4.43 -23.05
N ALA A 178 19.62 4.09 -22.03
CA ALA A 178 20.03 4.42 -20.69
C ALA A 178 19.68 3.22 -19.79
N TYR A 179 20.46 3.02 -18.73
CA TYR A 179 20.28 1.95 -17.79
C TYR A 179 20.04 2.54 -16.39
N ARG A 180 19.51 1.74 -15.50
CA ARG A 180 19.54 1.94 -14.05
C ARG A 180 19.74 0.60 -13.37
N LEU A 181 20.51 0.54 -12.31
CA LEU A 181 20.74 -0.69 -11.62
C LEU A 181 20.75 -0.33 -10.17
N ILE A 182 19.86 -0.93 -9.41
CA ILE A 182 19.67 -0.63 -7.99
C ILE A 182 19.71 -1.95 -7.20
N GLY A 183 20.49 -1.96 -6.14
CA GLY A 183 20.66 -3.13 -5.31
C GLY A 183 20.60 -2.72 -3.86
N LEU A 184 20.34 -3.71 -3.02
CA LEU A 184 20.14 -3.47 -1.60
C LEU A 184 20.28 -4.79 -0.83
N GLY A 185 20.78 -4.62 0.39
CA GLY A 185 20.88 -5.67 1.41
C GLY A 185 20.51 -5.02 2.74
N LYS A 186 19.65 -5.64 3.52
CA LYS A 186 19.32 -5.13 4.81
C LYS A 186 18.85 -6.19 5.75
N GLY A 187 18.82 -5.78 7.02
CA GLY A 187 18.53 -6.62 8.11
C GLY A 187 18.03 -5.85 9.29
N SER A 188 17.30 -6.53 10.13
CA SER A 188 16.88 -6.03 11.44
C SER A 188 16.57 -7.19 12.35
N ASP A 189 16.82 -7.00 13.64
CA ASP A 189 16.22 -7.84 14.70
C ASP A 189 15.01 -7.09 14.88
N THR A 190 14.04 -7.46 15.61
CA THR A 190 13.03 -6.22 15.42
C THR A 190 12.97 -5.75 16.84
N GLN A 191 11.83 -5.30 17.34
CA GLN A 191 11.63 -5.15 18.79
C GLN A 191 11.41 -6.51 19.41
N PHE A 192 11.04 -7.53 18.61
CA PHE A 192 10.52 -8.76 19.16
C PHE A 192 11.64 -9.78 19.33
N ASP A 193 11.66 -10.46 20.47
CA ASP A 193 12.68 -11.47 20.71
C ASP A 193 12.70 -12.54 19.65
N HIS A 194 13.92 -12.95 19.33
CA HIS A 194 14.21 -14.03 18.45
C HIS A 194 13.77 -13.85 16.99
N VAL A 195 13.50 -12.64 16.58
CA VAL A 195 12.96 -12.39 15.25
C VAL A 195 14.04 -11.77 14.40
N LYS A 196 14.08 -12.10 13.12
CA LYS A 196 14.95 -11.46 12.14
C LYS A 196 14.10 -11.00 10.90
N GLU A 197 14.47 -9.84 10.36
CA GLU A 197 14.13 -9.43 8.99
C GLU A 197 15.43 -9.39 8.22
N GLU A 198 15.36 -9.81 6.97
CA GLU A 198 16.51 -9.75 6.13
C GLU A 198 16.04 -9.71 4.67
N ARG A 199 16.68 -8.88 3.84
CA ARG A 199 16.35 -8.78 2.39
C ARG A 199 17.57 -8.46 1.49
N TYR A 200 17.59 -9.05 0.32
CA TYR A 200 18.57 -8.81 -0.72
C TYR A 200 17.72 -8.61 -2.01
N ALA A 201 18.00 -7.56 -2.75
CA ALA A 201 17.19 -7.30 -3.96
C ALA A 201 18.05 -6.53 -4.97
N ILE A 202 17.71 -6.74 -6.24
CA ILE A 202 18.35 -6.06 -7.33
C ILE A 202 17.31 -5.79 -8.42
N ALA A 203 17.37 -4.62 -9.01
CA ALA A 203 16.42 -4.19 -10.05
C ALA A 203 17.20 -3.56 -11.23
N PRO A 204 17.37 -4.30 -12.33
CA PRO A 204 17.96 -3.66 -13.55
C PRO A 204 16.84 -3.12 -14.42
N THR A 205 17.11 -2.00 -15.06
CA THR A 205 16.21 -1.37 -16.03
C THR A 205 17.01 -0.85 -17.21
N LEU A 206 16.44 -1.02 -18.39
CA LEU A 206 17.06 -0.51 -19.66
C LEU A 206 15.99 0.21 -20.44
N ALA A 207 16.27 1.42 -20.94
CA ALA A 207 15.32 2.22 -21.72
C ALA A 207 16.00 2.52 -23.06
N ILE A 208 15.32 2.27 -24.17
CA ILE A 208 15.82 2.38 -25.52
C ILE A 208 14.81 3.22 -26.29
N ASP A 209 15.25 4.31 -26.87
CA ASP A 209 14.40 5.08 -27.82
C ASP A 209 14.70 4.63 -29.24
N PHE A 210 13.80 3.97 -29.91
CA PHE A 210 13.92 3.64 -31.31
C PHE A 210 13.76 4.87 -32.21
N SER A 211 12.89 5.82 -31.89
CA SER A 211 13.09 7.18 -32.48
C SER A 211 12.49 8.14 -31.48
N ASP A 212 12.18 9.32 -32.01
CA ASP A 212 11.42 10.31 -31.21
C ASP A 212 10.04 9.83 -30.87
N ASP A 213 9.58 8.79 -31.58
CA ASP A 213 8.23 8.33 -31.39
C ASP A 213 8.09 7.06 -30.47
N THR A 214 9.15 6.30 -30.18
CA THR A 214 9.03 4.98 -29.55
C THR A 214 10.05 4.90 -28.45
N THR A 215 9.58 4.51 -27.26
CA THR A 215 10.49 4.15 -26.17
C THR A 215 10.02 2.77 -25.60
N LEU A 216 10.96 1.87 -25.46
CA LEU A 216 10.80 0.56 -24.78
C LEU A 216 11.62 0.60 -23.50
N THR A 217 11.00 0.32 -22.34
CA THR A 217 11.75 0.22 -21.05
C THR A 217 11.65 -1.25 -20.54
N LEU A 218 12.77 -1.92 -20.32
CA LEU A 218 12.85 -3.36 -19.97
C LEU A 218 13.17 -3.34 -18.48
N GLN A 219 12.45 -4.13 -17.68
CA GLN A 219 12.59 -4.12 -16.25
C GLN A 219 12.67 -5.49 -15.64
N GLY A 220 13.51 -5.59 -14.64
CA GLY A 220 13.71 -6.86 -13.84
C GLY A 220 13.62 -6.48 -12.39
N TYR A 221 13.14 -7.36 -11.52
CA TYR A 221 13.17 -7.08 -10.08
C TYR A 221 13.15 -8.43 -9.37
N LEU A 222 14.24 -8.68 -8.67
CA LEU A 222 14.56 -9.92 -8.01
C LEU A 222 14.79 -9.61 -6.54
N GLN A 223 14.00 -10.23 -5.70
CA GLN A 223 14.03 -9.96 -4.26
C GLN A 223 13.93 -11.27 -3.42
N HIS A 224 14.82 -11.37 -2.45
CA HIS A 224 14.87 -12.52 -1.57
C HIS A 224 14.79 -12.05 -0.15
N ASP A 225 13.73 -12.46 0.54
CA ASP A 225 13.58 -12.26 1.99
C ASP A 225 13.78 -13.63 2.67
N PRO A 226 15.04 -13.95 3.12
CA PRO A 226 15.18 -15.24 3.85
C PRO A 226 14.58 -15.23 5.24
N ASN A 227 14.28 -14.08 5.79
CA ASN A 227 13.53 -13.96 7.03
C ASN A 227 12.43 -12.88 6.90
N GLY A 228 11.34 -13.02 7.64
CA GLY A 228 10.18 -12.19 7.43
C GLY A 228 9.69 -11.35 8.56
N GLY A 229 10.56 -11.02 9.47
CA GLY A 229 10.17 -10.26 10.67
C GLY A 229 9.07 -10.93 11.48
N TYR A 230 8.26 -10.14 12.11
CA TYR A 230 7.22 -10.65 12.98
C TYR A 230 5.83 -10.45 12.41
N HIS A 231 4.94 -11.43 12.54
CA HIS A 231 3.59 -11.28 11.96
C HIS A 231 2.60 -12.00 12.86
N GLY A 232 2.54 -11.62 14.12
CA GLY A 232 1.72 -12.28 15.07
C GLY A 232 0.90 -11.25 15.85
N GLY A 233 0.14 -11.73 16.79
CA GLY A 233 -0.66 -10.89 17.65
C GLY A 233 -1.02 -11.61 18.97
N VAL A 234 -1.36 -10.82 20.00
CA VAL A 234 -1.73 -11.41 21.29
C VAL A 234 -3.06 -10.91 21.84
N PRO A 235 -3.53 -11.49 22.97
CA PRO A 235 -4.88 -11.04 23.44
C PRO A 235 -4.96 -9.63 23.95
N ALA A 236 -6.14 -9.03 23.72
CA ALA A 236 -6.55 -7.79 24.31
C ALA A 236 -6.38 -7.95 25.86
N ASP A 237 -6.87 -9.12 26.33
CA ASP A 237 -6.92 -9.46 27.76
C ASP A 237 -5.63 -9.05 28.47
N GLY A 238 -4.46 -9.57 28.20
CA GLY A 238 -3.29 -8.81 28.78
C GLY A 238 -2.50 -7.69 28.06
N THR A 239 -3.14 -6.93 27.20
CA THR A 239 -2.47 -5.84 26.52
C THR A 239 -3.21 -4.57 26.75
N LEU A 240 -4.50 -4.58 26.43
CA LEU A 240 -5.40 -3.45 26.68
C LEU A 240 -5.81 -3.44 28.16
N SER A 241 -5.70 -4.56 28.86
CA SER A 241 -5.93 -4.59 30.34
C SER A 241 -4.88 -5.51 30.92
N HIS A 242 -4.71 -5.53 32.24
CA HIS A 242 -3.83 -6.51 32.91
C HIS A 242 -4.48 -7.87 32.87
N HIS A 243 -3.64 -8.89 32.82
CA HIS A 243 -4.09 -10.23 32.95
C HIS A 243 -3.39 -10.74 34.20
N ASN A 244 -4.18 -11.09 35.25
CA ASN A 244 -3.63 -11.44 36.60
C ASN A 244 -2.45 -10.50 36.96
N GLY A 245 -2.70 -9.17 36.91
CA GLY A 245 -1.75 -8.15 37.33
C GLY A 245 -0.55 -7.95 36.43
N ARG A 246 -0.59 -8.44 35.20
CA ARG A 246 0.54 -8.28 34.33
C ARG A 246 0.09 -7.86 32.91
N HIS A 247 1.05 -7.32 32.18
CA HIS A 247 0.88 -6.95 30.77
C HIS A 247 1.88 -7.76 29.96
N ILE A 248 1.47 -8.27 28.81
CA ILE A 248 2.39 -8.87 27.85
C ILE A 248 3.32 -7.77 27.32
N SER A 249 4.61 -8.07 27.20
CA SER A 249 5.61 -7.14 26.74
C SER A 249 5.49 -6.89 25.19
N ARG A 250 5.92 -5.70 24.79
CA ARG A 250 5.87 -5.28 23.45
C ARG A 250 6.99 -5.99 22.63
N GLU A 251 7.85 -6.76 23.35
CA GLU A 251 8.95 -7.51 22.76
C GLU A 251 8.77 -9.00 22.82
N PHE A 252 7.61 -9.41 23.30
CA PHE A 252 7.30 -10.80 23.49
C PHE A 252 7.11 -11.51 22.19
N PHE A 253 7.69 -12.69 22.10
CA PHE A 253 7.57 -13.54 20.93
C PHE A 253 6.74 -14.77 21.22
N ASP A 254 5.63 -14.94 20.55
CA ASP A 254 4.76 -16.10 20.85
C ASP A 254 5.10 -17.37 20.14
N GLY A 255 6.14 -17.41 19.32
CA GLY A 255 6.46 -18.59 18.55
C GLY A 255 7.52 -19.49 19.13
N GLU A 256 8.15 -20.24 18.23
CA GLU A 256 9.27 -21.15 18.60
C GLU A 256 10.42 -20.83 17.69
N PRO A 257 11.53 -20.39 18.22
CA PRO A 257 12.63 -20.03 17.34
C PRO A 257 13.15 -21.16 16.51
N SER A 258 12.91 -22.39 16.89
CA SER A 258 13.38 -23.51 16.13
C SER A 258 12.40 -23.86 15.00
N LYS A 259 11.23 -23.21 14.98
CA LYS A 259 10.19 -23.51 14.01
C LYS A 259 9.50 -22.19 13.64
N ASP A 260 10.32 -21.31 13.09
CA ASP A 260 9.86 -19.90 12.76
C ASP A 260 10.56 -19.47 11.48
N ASP A 261 9.91 -19.65 10.35
CA ASP A 261 10.51 -19.32 9.07
C ASP A 261 9.52 -18.51 8.28
N PHE A 262 10.02 -17.51 7.57
CA PHE A 262 9.27 -16.88 6.46
C PHE A 262 10.30 -16.61 5.40
N ASP A 263 10.21 -17.33 4.29
CA ASP A 263 11.15 -17.22 3.21
C ASP A 263 10.38 -16.86 1.94
N ARG A 264 10.57 -15.61 1.41
CA ARG A 264 9.82 -15.09 0.25
C ARG A 264 10.78 -14.67 -0.89
N THR A 265 10.67 -15.33 -2.05
CA THR A 265 11.40 -14.95 -3.26
C THR A 265 10.45 -14.42 -4.30
N GLN A 266 10.71 -13.20 -4.77
CA GLN A 266 9.87 -12.51 -5.80
C GLN A 266 10.72 -12.31 -7.06
N ARG A 267 10.28 -12.84 -8.18
CA ARG A 267 11.03 -12.68 -9.46
C ARG A 267 10.14 -11.98 -10.42
N MET A 268 10.52 -10.78 -10.86
CA MET A 268 9.62 -10.06 -11.79
C MET A 268 10.40 -9.66 -13.03
N PHE A 269 9.75 -9.75 -14.14
CA PHE A 269 10.31 -9.19 -15.37
C PHE A 269 9.17 -8.50 -16.05
N GLY A 270 9.47 -7.42 -16.78
CA GLY A 270 8.43 -6.79 -17.57
C GLY A 270 8.98 -5.72 -18.51
N TYR A 271 8.09 -5.03 -19.11
CA TYR A 271 8.45 -3.98 -20.08
C TYR A 271 7.30 -2.98 -20.18
N GLN A 272 7.67 -1.79 -20.65
CA GLN A 272 6.68 -0.77 -21.02
C GLN A 272 7.05 -0.26 -22.41
N LEU A 273 6.16 -0.34 -23.34
CA LEU A 273 6.38 0.10 -24.67
C LEU A 273 5.48 1.37 -24.88
N GLU A 274 6.11 2.52 -25.24
CA GLU A 274 5.33 3.86 -25.42
C GLU A 274 5.55 4.23 -26.92
N HIS A 275 4.48 4.42 -27.66
CA HIS A 275 4.55 4.70 -29.07
C HIS A 275 3.68 5.91 -29.39
N ARG A 276 4.27 7.00 -29.89
CA ARG A 276 3.46 8.08 -30.35
C ARG A 276 3.12 7.84 -31.81
N ILE A 277 1.87 7.79 -32.17
CA ILE A 277 1.55 7.59 -33.58
C ILE A 277 1.53 8.93 -34.34
N ASP A 278 0.93 10.01 -33.72
CA ASP A 278 0.45 11.36 -34.26
C ASP A 278 0.54 12.28 -33.05
N ASP A 279 0.35 13.54 -33.21
CA ASP A 279 0.08 14.41 -32.01
C ASP A 279 -1.27 14.11 -31.47
N VAL A 280 -2.08 13.40 -32.22
CA VAL A 280 -3.37 12.97 -31.75
C VAL A 280 -3.32 11.60 -31.02
N TRP A 281 -2.79 10.60 -31.69
CA TRP A 281 -2.76 9.24 -31.29
C TRP A 281 -1.52 8.75 -30.59
N SER A 282 -1.71 8.06 -29.44
CA SER A 282 -0.59 7.39 -28.78
C SER A 282 -1.05 6.00 -28.26
N ALA A 283 -0.13 5.07 -28.10
CA ALA A 283 -0.44 3.74 -27.69
C ALA A 283 0.64 3.35 -26.68
N ARG A 284 0.30 2.42 -25.78
CA ARG A 284 1.19 2.00 -24.78
C ARG A 284 0.79 0.54 -24.37
N GLN A 285 1.81 -0.26 -24.09
CA GLN A 285 1.66 -1.61 -23.56
C GLN A 285 2.58 -1.68 -22.35
N ASN A 286 1.96 -1.96 -21.18
CA ASN A 286 2.66 -2.27 -19.93
C ASN A 286 2.45 -3.83 -19.67
N PHE A 287 3.52 -4.51 -19.36
CA PHE A 287 3.58 -5.97 -19.16
C PHE A 287 4.44 -6.29 -17.96
N ARG A 288 3.96 -7.26 -17.14
CA ARG A 288 4.76 -7.79 -16.06
C ARG A 288 4.41 -9.24 -15.81
N TYR A 289 5.44 -10.06 -15.72
CA TYR A 289 5.38 -11.40 -15.25
C TYR A 289 5.98 -11.51 -13.87
N LEU A 290 5.32 -12.32 -13.02
CA LEU A 290 5.76 -12.53 -11.66
C LEU A 290 5.80 -14.05 -11.33
N ASP A 291 6.82 -14.43 -10.61
CA ASP A 291 6.93 -15.81 -10.14
C ASP A 291 7.50 -15.72 -8.72
N SER A 292 6.82 -16.21 -7.73
CA SER A 292 7.27 -16.15 -6.32
C SER A 292 7.10 -17.48 -5.62
N ASP A 293 7.96 -17.64 -4.65
CA ASP A 293 7.96 -18.80 -3.73
C ASP A 293 7.86 -18.26 -2.36
N VAL A 294 6.95 -18.84 -1.56
CA VAL A 294 6.86 -18.50 -0.08
C VAL A 294 6.82 -19.80 0.75
N ASP A 295 7.66 -19.86 1.74
CA ASP A 295 7.68 -20.92 2.71
C ASP A 295 7.47 -20.27 4.09
N LEU A 296 6.51 -20.84 4.82
CA LEU A 296 6.12 -20.30 6.13
C LEU A 296 6.08 -21.48 7.13
N SER A 297 6.66 -21.27 8.29
CA SER A 297 6.42 -22.03 9.55
C SER A 297 6.16 -21.06 10.68
N GLN A 298 4.98 -21.14 11.27
CA GLN A 298 4.70 -20.17 12.36
C GLN A 298 3.91 -20.83 13.47
N VAL A 299 4.41 -20.82 14.70
CA VAL A 299 3.63 -21.15 15.88
C VAL A 299 3.14 -19.82 16.38
N TYR A 300 1.85 -19.73 16.67
CA TYR A 300 1.21 -18.47 17.11
C TYR A 300 0.27 -18.69 18.35
N ALA A 301 0.07 -17.65 19.12
CA ALA A 301 -0.86 -17.66 20.27
C ALA A 301 -2.24 -17.49 19.78
N TYR A 302 -3.16 -18.12 20.45
CA TYR A 302 -4.56 -17.92 20.17
C TYR A 302 -5.36 -18.08 21.45
N GLY A 303 -5.50 -17.03 22.23
CA GLY A 303 -6.27 -17.13 23.51
C GLY A 303 -5.50 -17.69 24.66
N TRP A 304 -6.09 -17.51 25.84
CA TRP A 304 -5.50 -17.98 27.06
C TRP A 304 -5.82 -19.44 27.32
N SER A 305 -4.85 -20.20 27.82
CA SER A 305 -5.16 -21.60 28.24
C SER A 305 -6.24 -21.62 29.39
N ALA A 306 -7.25 -22.49 29.19
CA ALA A 306 -8.28 -22.76 30.22
C ALA A 306 -7.74 -23.49 31.40
N SER A 307 -6.68 -24.27 31.27
CA SER A 307 -6.12 -25.00 32.43
C SER A 307 -4.86 -24.37 33.07
N GLU A 308 -3.99 -23.77 32.25
CA GLU A 308 -2.70 -23.29 32.77
C GLU A 308 -2.70 -21.75 32.76
N PRO A 309 -2.64 -21.13 33.97
CA PRO A 309 -3.04 -19.73 34.23
C PRO A 309 -2.47 -18.59 33.35
N ASN A 310 -1.17 -18.53 33.27
CA ASN A 310 -0.58 -17.47 32.49
C ASN A 310 0.05 -17.99 31.18
N LYS A 311 -0.55 -19.04 30.60
CA LYS A 311 -0.07 -19.53 29.33
C LYS A 311 -1.05 -19.33 28.25
N LEU A 312 -0.52 -19.08 27.09
CA LEU A 312 -1.32 -18.90 25.94
C LEU A 312 -1.42 -20.26 25.18
N ASN A 313 -2.62 -20.56 24.70
CA ASN A 313 -2.74 -21.68 23.75
C ASN A 313 -2.08 -21.29 22.42
N ARG A 314 -1.45 -22.26 21.72
CA ARG A 314 -0.82 -22.02 20.47
C ARG A 314 -1.18 -23.05 19.42
N TYR A 315 -1.05 -22.61 18.20
CA TYR A 315 -1.29 -23.43 17.01
C TYR A 315 -0.18 -23.21 16.03
N PHE A 316 -0.22 -23.97 14.92
CA PHE A 316 0.84 -23.98 13.96
C PHE A 316 0.23 -23.80 12.58
N SER A 317 0.87 -22.90 11.78
CA SER A 317 0.54 -22.79 10.32
C SER A 317 1.77 -23.07 9.57
N GLY A 318 1.64 -23.79 8.52
CA GLY A 318 2.78 -24.05 7.65
C GLY A 318 2.34 -23.93 6.21
N ALA A 319 3.24 -23.46 5.34
CA ALA A 319 2.79 -23.20 3.88
C ALA A 319 3.99 -23.29 3.02
N ARG A 320 3.77 -23.85 1.87
CA ARG A 320 4.69 -23.76 0.73
C ARG A 320 3.81 -23.34 -0.42
N GLU A 321 4.13 -22.22 -1.00
CA GLU A 321 3.35 -21.66 -2.04
C GLU A 321 4.19 -21.26 -3.23
N HIS A 322 3.66 -21.53 -4.38
CA HIS A 322 4.23 -21.02 -5.64
C HIS A 322 3.23 -20.26 -6.41
N LEU A 323 3.53 -18.98 -6.68
CA LEU A 323 2.58 -18.08 -7.42
C LEU A 323 3.24 -17.70 -8.77
N GLN A 324 2.45 -17.78 -9.82
CA GLN A 324 2.71 -17.29 -11.13
C GLN A 324 1.64 -16.30 -11.53
N ALA A 325 2.03 -15.19 -12.16
CA ALA A 325 1.04 -14.22 -12.64
C ALA A 325 1.56 -13.40 -13.78
N TYR A 326 0.67 -13.23 -14.75
CA TYR A 326 0.84 -12.43 -15.92
C TYR A 326 -0.16 -11.32 -15.86
N ILE A 327 0.30 -10.11 -16.25
CA ILE A 327 -0.57 -8.95 -16.36
C ILE A 327 -0.05 -8.06 -17.51
N VAL A 328 -0.98 -7.76 -18.38
CA VAL A 328 -0.77 -6.82 -19.47
C VAL A 328 -1.84 -5.79 -19.55
N ASP A 329 -1.44 -4.55 -19.90
CA ASP A 329 -2.39 -3.47 -20.21
C ASP A 329 -2.05 -2.76 -21.56
N ASN A 330 -3.04 -2.67 -22.45
CA ASN A 330 -2.94 -2.22 -23.87
C ASN A 330 -3.74 -0.97 -23.94
N MET A 331 -3.10 0.21 -24.20
CA MET A 331 -3.85 1.48 -24.16
C MET A 331 -3.68 2.26 -25.46
N LEU A 332 -4.77 2.84 -25.94
CA LEU A 332 -4.72 3.66 -27.17
C LEU A 332 -5.46 4.91 -26.89
N GLN A 333 -4.80 6.05 -27.08
CA GLN A 333 -5.38 7.37 -26.67
C GLN A 333 -5.40 8.37 -27.82
N ALA A 334 -6.55 9.04 -28.04
CA ALA A 334 -6.71 10.13 -29.01
C ALA A 334 -6.91 11.42 -28.26
N GLU A 335 -6.06 12.41 -28.57
CA GLU A 335 -6.24 13.79 -28.02
C GLU A 335 -6.56 14.75 -29.12
N PHE A 336 -7.69 15.42 -29.11
CA PHE A 336 -8.13 16.20 -30.32
C PHE A 336 -9.23 17.13 -29.82
N ALA A 337 -9.44 18.17 -30.59
CA ALA A 337 -10.40 19.15 -30.32
C ALA A 337 -11.58 18.93 -31.21
N THR A 338 -12.75 19.34 -30.72
CA THR A 338 -14.03 19.37 -31.51
C THR A 338 -14.67 20.66 -31.14
N GLY A 339 -14.38 21.71 -31.92
CA GLY A 339 -14.80 23.07 -31.59
C GLY A 339 -14.21 23.52 -30.25
N ALA A 340 -15.03 24.04 -29.37
CA ALA A 340 -14.49 24.46 -28.12
C ALA A 340 -14.09 23.29 -27.15
N ALA A 341 -14.38 21.99 -27.42
CA ALA A 341 -14.11 20.95 -26.42
C ALA A 341 -12.84 20.25 -26.78
N ARG A 342 -11.93 20.10 -25.80
CA ARG A 342 -10.72 19.23 -26.02
C ARG A 342 -11.07 17.82 -25.40
N HIS A 343 -10.83 16.74 -26.13
CA HIS A 343 -11.05 15.33 -25.69
C HIS A 343 -9.73 14.63 -25.51
N THR A 344 -9.58 13.88 -24.40
CA THR A 344 -8.49 12.99 -24.28
C THR A 344 -9.21 11.66 -24.10
N LEU A 345 -9.32 10.88 -25.17
CA LEU A 345 -10.15 9.73 -25.24
C LEU A 345 -9.25 8.48 -25.23
N LEU A 346 -9.44 7.67 -24.22
CA LEU A 346 -8.63 6.45 -23.94
C LEU A 346 -9.53 5.19 -24.09
N THR A 347 -8.96 4.21 -24.75
CA THR A 347 -9.54 2.90 -24.85
C THR A 347 -8.47 1.88 -24.47
N GLY A 348 -8.87 0.87 -23.71
CA GLY A 348 -7.92 -0.10 -23.21
C GLY A 348 -8.45 -1.51 -23.09
N LEU A 349 -7.49 -2.47 -23.10
CA LEU A 349 -7.79 -3.84 -22.90
C LEU A 349 -6.74 -4.33 -22.01
N ASP A 350 -7.14 -4.85 -20.86
CA ASP A 350 -6.20 -5.45 -19.93
C ASP A 350 -6.54 -6.90 -19.58
N TYR A 351 -5.54 -7.61 -19.10
CA TYR A 351 -5.63 -9.07 -18.89
C TYR A 351 -4.75 -9.49 -17.77
N GLN A 352 -5.34 -10.19 -16.75
CA GLN A 352 -4.56 -10.69 -15.60
C GLN A 352 -4.83 -12.21 -15.58
N ARG A 353 -3.78 -12.95 -15.34
CA ARG A 353 -3.89 -14.40 -15.19
C ARG A 353 -2.97 -14.80 -14.05
N ARG A 354 -3.53 -15.50 -13.03
CA ARG A 354 -2.74 -15.83 -11.83
C ARG A 354 -3.06 -17.36 -11.51
N ARG A 355 -2.04 -18.05 -11.12
CA ARG A 355 -2.13 -19.38 -10.54
C ARG A 355 -1.32 -19.47 -9.29
N THR A 356 -1.95 -19.95 -8.21
CA THR A 356 -1.23 -20.11 -6.96
C THR A 356 -1.35 -21.54 -6.46
N VAL A 357 -0.22 -22.23 -6.33
CA VAL A 357 -0.19 -23.61 -5.90
C VAL A 357 0.21 -23.54 -4.42
N VAL A 358 -0.67 -24.01 -3.52
CA VAL A 358 -0.42 -23.86 -2.08
C VAL A 358 -0.56 -25.24 -1.38
N ASP A 359 0.44 -25.59 -0.59
CA ASP A 359 0.32 -26.73 0.31
C ASP A 359 0.31 -26.16 1.74
N TRP A 360 -0.81 -26.25 2.40
CA TRP A 360 -0.95 -25.74 3.79
C TRP A 360 -0.98 -26.84 4.83
N ARG A 361 -0.33 -26.57 5.93
CA ARG A 361 -0.34 -27.44 7.09
C ARG A 361 -0.77 -26.66 8.29
N SER A 362 -1.37 -27.35 9.26
CA SER A 362 -1.69 -26.74 10.52
C SER A 362 -1.68 -27.78 11.63
N GLY A 363 -1.63 -27.28 12.86
CA GLY A 363 -1.66 -28.19 14.01
C GLY A 363 -1.73 -27.46 15.31
N SER A 364 -1.64 -28.24 16.40
CA SER A 364 -1.64 -27.78 17.80
C SER A 364 -0.19 -27.74 18.30
N ALA A 365 0.15 -26.72 19.03
CA ALA A 365 1.49 -26.60 19.55
C ALA A 365 1.41 -26.57 21.10
N SER A 366 2.53 -26.60 21.75
CA SER A 366 2.51 -26.56 23.25
C SER A 366 2.09 -25.16 23.69
N ALA A 367 1.59 -25.06 24.89
CA ALA A 367 1.23 -23.77 25.50
C ALA A 367 2.50 -23.06 25.91
N LEU A 368 2.38 -21.75 26.03
CA LEU A 368 3.53 -20.92 26.41
C LEU A 368 3.18 -19.86 27.39
N ASP A 369 4.05 -19.69 28.39
CA ASP A 369 3.84 -18.67 29.42
C ASP A 369 4.05 -17.29 28.76
N ALA A 370 3.07 -16.41 28.89
CA ALA A 370 3.06 -15.11 28.26
C ALA A 370 4.03 -14.08 28.89
N PHE A 371 4.65 -14.44 30.01
CA PHE A 371 5.74 -13.66 30.63
C PHE A 371 6.73 -14.72 30.97
N ASN A 372 8.02 -14.47 30.83
CA ASN A 372 8.95 -15.67 31.12
C ASN A 372 8.61 -16.91 30.28
N PRO A 373 8.54 -16.78 28.92
CA PRO A 373 8.31 -18.03 28.23
C PRO A 373 9.57 -18.85 28.23
N VAL A 374 9.38 -20.17 28.10
CA VAL A 374 10.45 -21.11 27.89
C VAL A 374 10.28 -21.75 26.51
N TYR A 375 11.27 -21.50 25.68
CA TYR A 375 11.27 -21.99 24.34
C TYR A 375 11.89 -23.36 24.28
N GLY A 376 11.51 -24.14 23.27
CA GLY A 376 12.19 -25.36 22.90
C GLY A 376 11.19 -26.48 22.73
N ASP A 377 10.00 -26.33 23.30
CA ASP A 377 8.96 -27.37 23.19
C ASP A 377 8.19 -27.07 21.89
N ASP A 378 8.77 -27.54 20.80
CA ASP A 378 8.30 -27.21 19.47
C ASP A 378 7.59 -28.34 18.72
N ALA A 379 7.23 -29.40 19.40
CA ALA A 379 6.55 -30.54 18.73
C ALA A 379 5.11 -30.09 18.31
N ILE A 380 4.69 -30.40 17.10
CA ILE A 380 3.39 -30.03 16.66
C ILE A 380 2.48 -31.24 16.52
N SER A 381 1.23 -31.18 16.95
CA SER A 381 0.27 -32.25 16.54
C SER A 381 -0.47 -31.86 15.36
N TYR A 382 -0.20 -32.44 14.23
CA TYR A 382 -0.73 -31.92 12.97
C TYR A 382 -2.22 -32.20 12.73
N PHE A 383 -2.91 -31.28 12.14
CA PHE A 383 -4.24 -31.48 11.65
C PHE A 383 -4.19 -31.91 10.20
N PRO A 384 -5.35 -32.18 9.58
CA PRO A 384 -5.24 -32.64 8.20
C PRO A 384 -4.68 -31.57 7.22
N ASP A 385 -3.80 -31.96 6.32
CA ASP A 385 -3.25 -31.09 5.27
C ASP A 385 -4.37 -30.48 4.40
N ASP A 386 -4.09 -29.32 3.80
CA ASP A 386 -5.06 -28.69 2.97
C ASP A 386 -4.33 -28.07 1.71
N ASN A 387 -4.39 -28.73 0.56
CA ASN A 387 -3.62 -28.34 -0.60
C ASN A 387 -4.56 -27.85 -1.64
N HIS A 388 -4.23 -26.71 -2.29
CA HIS A 388 -5.08 -26.12 -3.31
C HIS A 388 -4.25 -25.66 -4.55
N THR A 389 -4.94 -25.58 -5.69
CA THR A 389 -4.51 -24.74 -6.81
C THR A 389 -5.60 -23.72 -7.07
N ARG A 390 -5.22 -22.44 -6.94
CA ARG A 390 -6.11 -21.28 -7.06
C ARG A 390 -5.75 -20.54 -8.36
N ARG A 391 -6.78 -20.24 -9.15
CA ARG A 391 -6.61 -19.56 -10.45
C ARG A 391 -7.56 -18.37 -10.50
N LEU A 392 -7.07 -17.30 -11.14
CA LEU A 392 -7.87 -16.11 -11.42
C LEU A 392 -7.52 -15.61 -12.78
N GLU A 393 -8.57 -15.26 -13.51
CA GLU A 393 -8.42 -14.56 -14.81
C GLU A 393 -9.40 -13.37 -14.84
N GLN A 394 -8.87 -12.22 -15.30
CA GLN A 394 -9.67 -11.03 -15.44
C GLN A 394 -9.30 -10.38 -16.82
N THR A 395 -10.32 -10.17 -17.63
CA THR A 395 -10.17 -9.47 -18.89
C THR A 395 -11.00 -8.18 -18.75
N GLY A 396 -10.40 -7.01 -19.00
CA GLY A 396 -11.12 -5.73 -18.96
C GLY A 396 -10.97 -4.96 -20.28
N VAL A 397 -12.06 -4.34 -20.69
CA VAL A 397 -12.17 -3.48 -21.82
C VAL A 397 -12.76 -2.16 -21.25
N TYR A 398 -12.06 -1.04 -21.45
CA TYR A 398 -12.42 0.19 -20.78
C TYR A 398 -12.37 1.39 -21.79
N LEU A 399 -13.15 2.42 -21.49
CA LEU A 399 -13.19 3.63 -22.26
C LEU A 399 -13.32 4.81 -21.28
N GLN A 400 -12.54 5.84 -21.53
CA GLN A 400 -12.57 7.04 -20.81
C GLN A 400 -12.42 8.25 -21.78
N ASP A 401 -13.21 9.27 -21.53
CA ASP A 401 -13.08 10.60 -22.16
C ASP A 401 -12.91 11.70 -21.10
N LEU A 402 -11.72 12.31 -21.09
CA LEU A 402 -11.50 13.57 -20.34
C LEU A 402 -11.82 14.74 -21.31
N ILE A 403 -12.84 15.48 -20.97
CA ILE A 403 -13.35 16.60 -21.81
C ILE A 403 -13.09 17.91 -21.11
N ASP A 404 -12.23 18.79 -21.71
CA ASP A 404 -11.99 20.13 -21.10
C ASP A 404 -12.65 21.14 -22.01
N ILE A 405 -13.49 21.95 -21.43
CA ILE A 405 -14.20 22.92 -22.21
C ILE A 405 -14.34 24.14 -21.39
N ASP A 406 -13.74 25.26 -21.89
CA ASP A 406 -13.74 26.47 -21.05
C ASP A 406 -13.01 26.13 -19.76
N GLN A 407 -13.61 26.42 -18.64
CA GLN A 407 -12.95 26.06 -17.38
C GLN A 407 -13.48 24.72 -16.75
N TRP A 408 -14.39 24.04 -17.44
CA TRP A 408 -14.91 22.78 -16.98
C TRP A 408 -13.91 21.68 -17.35
N ARG A 409 -13.78 20.74 -16.44
CA ARG A 409 -12.99 19.52 -16.67
C ARG A 409 -13.85 18.35 -16.30
N PHE A 410 -14.20 17.56 -17.29
CA PHE A 410 -15.13 16.44 -17.10
C PHE A 410 -14.41 15.14 -17.38
N SER A 411 -14.88 14.10 -16.69
CA SER A 411 -14.34 12.72 -16.81
C SER A 411 -15.50 11.71 -16.93
N LEU A 412 -15.45 10.90 -17.94
CA LEU A 412 -16.49 9.91 -18.23
C LEU A 412 -15.85 8.59 -18.49
N GLY A 413 -16.29 7.54 -17.81
CA GLY A 413 -15.64 6.24 -17.96
C GLY A 413 -16.56 5.08 -17.80
N LEU A 414 -16.25 4.00 -18.56
CA LEU A 414 -17.01 2.79 -18.53
C LEU A 414 -16.02 1.66 -18.71
N ARG A 415 -16.27 0.54 -18.05
CA ARG A 415 -15.40 -0.65 -18.15
C ARG A 415 -16.30 -1.90 -18.00
N GLN A 416 -15.99 -2.90 -18.79
CA GLN A 416 -16.56 -4.18 -18.65
C GLN A 416 -15.44 -5.14 -18.25
N ASP A 417 -15.69 -5.98 -17.26
CA ASP A 417 -14.73 -7.01 -16.80
C ASP A 417 -15.37 -8.44 -16.92
N TRP A 418 -14.63 -9.42 -17.40
CA TRP A 418 -15.04 -10.83 -17.42
C TRP A 418 -14.03 -11.42 -16.48
N VAL A 419 -14.56 -12.04 -15.40
CA VAL A 419 -13.69 -12.62 -14.36
C VAL A 419 -14.02 -14.12 -14.27
N SER A 420 -12.97 -14.89 -14.18
CA SER A 420 -13.12 -16.34 -13.89
C SER A 420 -12.21 -16.72 -12.73
N VAL A 421 -12.75 -17.46 -11.74
CA VAL A 421 -12.00 -17.77 -10.52
C VAL A 421 -12.21 -19.29 -10.34
N THR A 422 -11.15 -20.01 -10.04
CA THR A 422 -11.29 -21.43 -9.80
C THR A 422 -10.43 -21.81 -8.55
N ASP A 423 -10.90 -22.80 -7.83
CA ASP A 423 -10.17 -23.23 -6.66
C ASP A 423 -10.28 -24.77 -6.66
N LYS A 424 -9.19 -25.43 -7.01
CA LYS A 424 -9.05 -26.88 -7.04
C LYS A 424 -8.48 -27.29 -5.68
N ASN A 425 -9.29 -28.03 -4.95
CA ASN A 425 -8.82 -28.61 -3.65
C ASN A 425 -8.07 -29.87 -4.05
N ARG A 426 -6.76 -29.84 -3.90
CA ARG A 426 -6.00 -31.03 -4.40
C ARG A 426 -6.05 -32.19 -3.31
N SER A 427 -6.36 -31.89 -2.07
CA SER A 427 -6.55 -32.94 -1.07
C SER A 427 -7.82 -33.72 -1.31
N THR A 428 -8.95 -33.05 -1.57
CA THR A 428 -10.21 -33.68 -1.77
C THR A 428 -10.54 -33.92 -3.20
N GLY A 429 -9.87 -33.28 -4.15
CA GLY A 429 -10.21 -33.38 -5.59
C GLY A 429 -11.41 -32.50 -5.99
N SER A 430 -12.09 -31.84 -5.12
CA SER A 430 -13.25 -31.08 -5.60
C SER A 430 -12.73 -29.64 -6.10
N LYS A 431 -13.55 -29.01 -6.92
CA LYS A 431 -13.18 -27.85 -7.75
C LYS A 431 -14.33 -26.90 -7.71
N ALA A 432 -14.14 -25.66 -7.28
CA ALA A 432 -15.10 -24.59 -7.42
C ALA A 432 -14.63 -23.70 -8.61
N ASP A 433 -15.57 -23.32 -9.41
CA ASP A 433 -15.31 -22.78 -10.69
C ASP A 433 -16.45 -21.81 -11.03
N ASP A 434 -16.16 -20.50 -11.20
CA ASP A 434 -17.17 -19.43 -11.39
C ASP A 434 -16.69 -18.34 -12.32
N ASP A 435 -17.63 -17.74 -13.00
CA ASP A 435 -17.41 -16.90 -14.12
C ASP A 435 -18.46 -15.85 -13.96
N TRP A 436 -18.08 -14.60 -14.17
CA TRP A 436 -19.11 -13.60 -14.22
C TRP A 436 -18.53 -12.28 -14.90
N GLU A 437 -19.40 -11.34 -15.12
CA GLU A 437 -19.13 -10.11 -15.86
C GLU A 437 -19.55 -9.02 -14.95
N LYS A 438 -18.84 -7.91 -14.97
CA LYS A 438 -19.30 -6.74 -14.25
C LYS A 438 -19.06 -5.49 -15.11
N PHE A 439 -19.96 -4.51 -15.03
CA PHE A 439 -19.83 -3.22 -15.69
C PHE A 439 -19.63 -2.22 -14.62
N THR A 440 -18.62 -1.35 -14.77
CA THR A 440 -18.40 -0.24 -13.81
C THR A 440 -18.33 1.08 -14.59
N GLY A 441 -18.68 2.17 -13.96
CA GLY A 441 -18.72 3.49 -14.52
C GLY A 441 -18.29 4.52 -13.52
N ARG A 442 -17.87 5.66 -14.09
CA ARG A 442 -17.39 6.84 -13.32
C ARG A 442 -17.77 8.12 -14.09
N ILE A 443 -18.15 9.13 -13.37
CA ILE A 443 -18.50 10.41 -13.93
C ILE A 443 -17.96 11.47 -12.94
N GLY A 444 -17.15 12.38 -13.47
CA GLY A 444 -16.51 13.49 -12.63
C GLY A 444 -16.79 14.83 -13.37
N ALA A 445 -16.97 15.88 -12.60
CA ALA A 445 -17.08 17.25 -13.14
C ALA A 445 -16.39 18.19 -12.15
N LEU A 446 -15.51 19.02 -12.67
CA LEU A 446 -14.68 19.92 -11.91
C LEU A 446 -14.66 21.28 -12.63
N TYR A 447 -14.74 22.35 -11.87
CA TYR A 447 -14.75 23.72 -12.40
C TYR A 447 -13.47 24.38 -11.95
N LEU A 448 -12.62 24.85 -12.89
CA LEU A 448 -11.33 25.43 -12.46
C LEU A 448 -11.44 26.98 -12.49
N PHE A 449 -11.55 27.64 -11.38
CA PHE A 449 -11.51 29.10 -11.38
C PHE A 449 -10.11 29.55 -11.61
N ASP A 450 -9.93 30.74 -12.19
CA ASP A 450 -8.60 31.11 -12.65
C ASP A 450 -7.74 31.56 -11.53
N ASN A 451 -8.27 31.67 -10.30
CA ASN A 451 -7.42 31.92 -9.13
C ASN A 451 -6.87 30.63 -8.56
N GLY A 452 -7.17 29.50 -9.16
CA GLY A 452 -6.64 28.22 -8.64
C GLY A 452 -7.50 27.44 -7.65
N LEU A 453 -8.80 27.84 -7.53
CA LEU A 453 -9.79 27.11 -6.76
C LEU A 453 -10.56 26.20 -7.66
N ALA A 454 -10.73 24.94 -7.24
CA ALA A 454 -11.40 23.95 -8.09
C ALA A 454 -12.37 23.03 -7.28
N PRO A 455 -13.65 23.33 -7.27
CA PRO A 455 -14.64 22.46 -6.71
C PRO A 455 -14.95 21.35 -7.69
N TYR A 456 -15.29 20.12 -7.17
CA TYR A 456 -15.67 19.08 -8.04
C TYR A 456 -16.62 18.07 -7.37
N VAL A 457 -17.21 17.23 -8.23
CA VAL A 457 -18.08 16.16 -7.79
C VAL A 457 -17.73 14.97 -8.63
N SER A 458 -17.82 13.80 -8.01
CA SER A 458 -17.49 12.50 -8.70
C SER A 458 -18.48 11.38 -8.22
N TYR A 459 -18.93 10.52 -9.13
CA TYR A 459 -19.59 9.28 -8.81
C TYR A 459 -18.72 8.14 -9.39
N SER A 460 -18.41 7.13 -8.59
CA SER A 460 -17.43 6.10 -9.07
C SER A 460 -17.77 4.73 -8.43
N GLU A 461 -17.46 3.67 -9.14
CA GLU A 461 -17.86 2.27 -8.81
C GLU A 461 -16.70 1.35 -8.82
N SER A 462 -16.84 0.23 -8.05
CA SER A 462 -15.81 -0.78 -7.95
C SER A 462 -16.50 -2.12 -7.72
N PHE A 463 -15.76 -3.18 -7.99
CA PHE A 463 -16.13 -4.51 -7.63
C PHE A 463 -14.85 -5.30 -7.22
N ASN A 464 -15.06 -6.37 -6.43
CA ASN A 464 -13.96 -7.28 -6.09
C ASN A 464 -14.52 -8.67 -5.86
N PRO A 465 -13.93 -9.75 -6.44
CA PRO A 465 -14.37 -11.14 -6.11
C PRO A 465 -14.52 -11.35 -4.64
N ASN A 466 -15.63 -12.01 -4.28
CA ASN A 466 -15.90 -12.25 -2.85
C ASN A 466 -14.95 -13.28 -2.18
N ALA A 467 -14.36 -12.89 -1.03
CA ALA A 467 -13.47 -13.78 -0.28
C ALA A 467 -14.22 -15.00 0.30
N TYR A 468 -15.57 -15.01 0.29
CA TYR A 468 -16.36 -16.05 0.90
C TYR A 468 -17.15 -16.77 -0.05
N SER A 469 -17.55 -17.92 0.42
CA SER A 469 -18.31 -18.89 -0.31
C SER A 469 -19.59 -19.40 0.44
N ASP A 470 -20.51 -19.95 -0.31
CA ASP A 470 -21.87 -20.20 0.13
C ASP A 470 -21.99 -21.67 0.62
N ALA A 471 -23.28 -22.08 0.77
CA ALA A 471 -23.74 -23.43 1.11
C ALA A 471 -23.32 -24.57 0.15
N SER A 472 -22.78 -24.28 -1.03
CA SER A 472 -22.28 -25.27 -1.98
C SER A 472 -20.77 -25.16 -2.29
N GLY A 473 -20.01 -24.41 -1.49
CA GLY A 473 -18.58 -24.12 -1.80
C GLY A 473 -18.28 -23.14 -2.96
N THR A 474 -19.34 -22.65 -3.60
CA THR A 474 -19.24 -21.72 -4.74
C THR A 474 -19.26 -20.20 -4.28
N PRO A 475 -18.24 -19.40 -4.68
CA PRO A 475 -18.04 -18.07 -4.04
C PRO A 475 -19.28 -17.23 -4.23
N LEU A 476 -19.58 -16.38 -3.28
CA LEU A 476 -20.75 -15.44 -3.38
C LEU A 476 -20.48 -14.42 -4.51
N ALA A 477 -21.45 -13.61 -4.85
CA ALA A 477 -21.31 -12.59 -5.82
C ALA A 477 -20.18 -11.59 -5.32
N PRO A 478 -19.44 -11.04 -6.28
CA PRO A 478 -18.48 -9.99 -5.96
C PRO A 478 -19.07 -8.85 -5.15
N THR A 479 -18.25 -8.34 -4.24
CA THR A 479 -18.65 -7.14 -3.52
C THR A 479 -18.59 -6.01 -4.49
N GLU A 480 -19.29 -4.97 -4.17
CA GLU A 480 -19.44 -3.78 -5.07
C GLU A 480 -19.28 -2.53 -4.25
N GLY A 481 -18.58 -1.54 -4.76
CA GLY A 481 -18.52 -0.22 -4.13
C GLY A 481 -19.12 0.86 -4.98
N LYS A 482 -19.77 1.82 -4.37
CA LYS A 482 -20.33 2.95 -5.07
C LYS A 482 -19.99 4.20 -4.17
N GLN A 483 -19.53 5.30 -4.79
CA GLN A 483 -19.09 6.45 -4.04
C GLN A 483 -19.58 7.76 -4.70
N TRP A 484 -20.10 8.64 -3.87
CA TRP A 484 -20.26 10.01 -4.17
C TRP A 484 -19.20 10.75 -3.46
N GLU A 485 -18.54 11.67 -4.17
CA GLU A 485 -17.52 12.47 -3.59
C GLU A 485 -17.74 13.91 -4.02
N LEU A 486 -17.52 14.81 -3.08
CA LEU A 486 -17.56 16.24 -3.36
C LEU A 486 -16.25 16.79 -2.86
N GLY A 487 -15.57 17.66 -3.61
CA GLY A 487 -14.25 18.10 -3.06
C GLY A 487 -13.94 19.52 -3.49
N LEU A 488 -12.83 20.03 -2.98
CA LEU A 488 -12.34 21.35 -3.34
C LEU A 488 -10.88 21.34 -3.22
N LYS A 489 -10.21 21.83 -4.27
CA LYS A 489 -8.77 21.90 -4.30
C LYS A 489 -8.41 23.34 -4.53
N PHE A 490 -7.24 23.67 -4.06
CA PHE A 490 -6.68 24.99 -4.19
C PHE A 490 -5.22 25.02 -4.31
N GLN A 491 -4.76 25.65 -5.39
CA GLN A 491 -3.35 26.02 -5.52
C GLN A 491 -3.30 27.50 -6.07
N ALA A 492 -2.72 28.41 -5.37
CA ALA A 492 -2.55 29.83 -5.89
C ALA A 492 -1.52 29.73 -7.01
N PRO A 493 -1.84 30.28 -8.19
CA PRO A 493 -0.89 30.20 -9.34
C PRO A 493 0.59 30.58 -8.99
N GLY A 494 0.83 31.50 -8.04
CA GLY A 494 2.20 31.66 -7.46
C GLY A 494 2.87 30.36 -6.90
N SER A 495 2.17 29.74 -5.97
CA SER A 495 2.73 29.00 -4.86
C SER A 495 3.34 27.62 -5.15
N ASN A 496 4.14 27.17 -4.22
CA ASN A 496 4.46 25.77 -4.20
C ASN A 496 3.72 25.15 -2.97
N SER A 497 2.43 25.45 -2.84
CA SER A 497 1.56 25.02 -1.77
C SER A 497 0.31 24.40 -2.44
N PHE A 498 -0.39 23.49 -1.76
CA PHE A 498 -1.55 22.86 -2.36
C PHE A 498 -2.44 22.39 -1.21
N TYR A 499 -3.72 22.57 -1.33
CA TYR A 499 -4.68 22.28 -0.21
C TYR A 499 -5.92 21.58 -0.77
N THR A 500 -6.41 20.54 -0.06
CA THR A 500 -7.63 19.93 -0.57
C THR A 500 -8.56 19.52 0.58
N ALA A 501 -9.85 19.40 0.26
CA ALA A 501 -10.79 18.83 1.10
C ALA A 501 -11.60 17.90 0.33
N SER A 502 -11.94 16.74 0.93
CA SER A 502 -12.78 15.84 0.23
C SER A 502 -13.86 15.32 1.17
N LEU A 503 -15.08 15.28 0.70
CA LEU A 503 -16.20 14.63 1.37
C LEU A 503 -16.67 13.40 0.57
N PHE A 504 -16.90 12.28 1.25
CA PHE A 504 -17.20 11.01 0.62
C PHE A 504 -18.28 10.23 1.30
N HIS A 505 -19.01 9.49 0.46
CA HIS A 505 -20.00 8.54 0.89
C HIS A 505 -19.82 7.30 0.03
N ILE A 506 -19.28 6.25 0.65
CA ILE A 506 -19.09 4.93 0.04
C ILE A 506 -20.04 3.87 0.62
N THR A 507 -20.70 3.13 -0.28
CA THR A 507 -21.52 1.95 0.07
C THR A 507 -20.83 0.77 -0.51
N GLN A 508 -20.59 -0.26 0.29
CA GLN A 508 -20.09 -1.55 -0.23
C GLN A 508 -21.18 -2.57 -0.02
N GLU A 509 -21.60 -3.21 -1.09
CA GLU A 509 -22.70 -4.21 -1.10
C GLU A 509 -22.15 -5.64 -1.38
N ASN A 510 -23.04 -6.61 -1.12
CA ASN A 510 -22.80 -8.05 -1.19
C ASN A 510 -21.75 -8.56 -0.30
N VAL A 511 -21.60 -7.93 0.83
CA VAL A 511 -20.61 -8.34 1.79
C VAL A 511 -21.18 -9.63 2.47
N ALA A 512 -20.30 -10.58 2.68
CA ALA A 512 -20.60 -11.88 3.31
C ALA A 512 -21.12 -11.66 4.75
N SER A 513 -22.21 -12.32 5.08
CA SER A 513 -22.73 -12.15 6.41
C SER A 513 -23.48 -13.51 6.74
N LYS A 514 -23.53 -13.82 8.04
CA LYS A 514 -24.31 -15.03 8.48
C LYS A 514 -24.79 -14.85 9.89
N GLU A 515 -25.95 -15.45 10.17
CA GLU A 515 -26.36 -15.67 11.59
C GLU A 515 -25.29 -16.52 12.31
N PRO A 516 -24.99 -16.22 13.59
CA PRO A 516 -23.98 -17.02 14.37
C PRO A 516 -24.16 -18.58 14.21
N GLN A 517 -25.43 -19.05 14.32
CA GLN A 517 -25.95 -20.42 14.04
C GLN A 517 -25.31 -21.05 12.83
N ASP A 518 -25.42 -20.36 11.69
CA ASP A 518 -25.29 -20.98 10.38
C ASP A 518 -23.85 -21.16 10.05
N ASN A 519 -23.59 -22.03 9.07
CA ASN A 519 -22.21 -22.27 8.57
C ASN A 519 -21.90 -21.63 7.30
N PHE A 520 -22.94 -21.34 6.53
CA PHE A 520 -22.86 -20.75 5.20
C PHE A 520 -23.08 -19.22 5.31
N TYR A 521 -22.35 -18.49 4.50
CA TYR A 521 -22.48 -17.03 4.38
C TYR A 521 -23.40 -16.73 3.28
N THR A 522 -24.16 -15.64 3.41
CA THR A 522 -24.84 -15.09 2.27
C THR A 522 -24.31 -13.61 2.02
N SER A 523 -24.61 -13.12 0.83
CA SER A 523 -24.04 -11.79 0.33
C SER A 523 -25.08 -10.67 0.49
N VAL A 524 -25.59 -10.53 1.70
CA VAL A 524 -26.65 -9.57 2.12
C VAL A 524 -26.06 -8.51 3.04
N GLY A 525 -24.79 -8.60 3.43
CA GLY A 525 -24.16 -7.53 4.20
C GLY A 525 -23.98 -6.25 3.39
N GLU A 526 -23.90 -5.16 4.13
CA GLU A 526 -23.56 -3.89 3.53
C GLU A 526 -22.76 -3.06 4.51
N VAL A 527 -21.83 -2.22 3.98
CA VAL A 527 -20.99 -1.37 4.81
C VAL A 527 -21.05 0.01 4.20
N ARG A 528 -21.11 1.02 5.05
CA ARG A 528 -21.11 2.37 4.62
C ARG A 528 -20.00 3.14 5.29
N SER A 529 -19.19 3.91 4.50
CA SER A 529 -18.14 4.75 5.01
C SER A 529 -18.33 6.15 4.44
N GLN A 530 -18.37 7.13 5.32
CA GLN A 530 -18.56 8.44 4.94
C GLN A 530 -17.69 9.33 5.78
N GLY A 531 -17.23 10.44 5.22
CA GLY A 531 -16.41 11.34 5.97
C GLY A 531 -15.73 12.47 5.21
N LEU A 532 -14.59 12.93 5.74
CA LEU A 532 -13.94 14.14 5.36
C LEU A 532 -12.49 13.98 5.47
N GLU A 533 -11.77 14.38 4.43
CA GLU A 533 -10.31 14.46 4.50
C GLU A 533 -9.79 15.79 4.11
N LEU A 534 -8.73 16.26 4.80
CA LEU A 534 -8.15 17.56 4.56
C LEU A 534 -6.65 17.34 4.46
N GLU A 535 -6.03 17.94 3.44
CA GLU A 535 -4.62 17.70 3.15
C GLU A 535 -4.05 19.07 2.79
N ALA A 536 -2.89 19.37 3.34
CA ALA A 536 -2.24 20.64 3.13
C ALA A 536 -0.79 20.40 2.92
N HIS A 537 -0.25 20.99 1.85
CA HIS A 537 1.18 21.02 1.60
C HIS A 537 1.51 22.49 1.52
N THR A 538 2.37 22.97 2.41
CA THR A 538 2.71 24.43 2.44
C THR A 538 4.18 24.58 2.37
N GLN A 539 4.69 25.15 1.29
CA GLN A 539 6.13 25.19 1.12
C GLN A 539 6.58 26.60 0.90
N LEU A 540 7.20 27.19 1.93
CA LEU A 540 7.78 28.58 1.91
C LEU A 540 9.26 28.69 1.47
N SER A 541 9.49 29.24 0.28
CA SER A 541 10.82 29.71 -0.17
C SER A 541 11.99 28.72 -0.14
N ASP A 542 11.71 27.46 -0.50
CA ASP A 542 12.72 26.35 -0.55
C ASP A 542 13.58 26.07 0.76
N ASN A 543 13.19 26.58 1.93
CA ASN A 543 13.84 26.20 3.18
C ASN A 543 12.84 25.68 4.27
N LEU A 544 11.56 26.12 4.28
CA LEU A 544 10.49 25.53 5.17
C LEU A 544 9.29 24.79 4.48
N LYS A 545 9.23 23.48 4.58
CA LYS A 545 8.19 22.61 3.96
C LYS A 545 7.33 21.99 5.07
N LEU A 546 6.01 22.11 4.97
CA LEU A 546 5.00 21.54 5.88
C LEU A 546 3.98 20.66 5.13
N LEU A 547 3.50 19.60 5.78
CA LEU A 547 2.41 18.78 5.28
C LEU A 547 1.55 18.56 6.44
N GLY A 548 0.26 18.59 6.25
CA GLY A 548 -0.64 18.25 7.34
C GLY A 548 -1.93 17.63 6.82
N SER A 549 -2.62 16.96 7.71
CA SER A 549 -3.78 16.14 7.36
C SER A 549 -4.74 15.97 8.51
N TYR A 550 -6.01 15.83 8.15
CA TYR A 550 -7.04 15.55 9.10
C TYR A 550 -8.01 14.61 8.37
N THR A 551 -8.41 13.57 9.06
CA THR A 551 -9.40 12.59 8.60
C THR A 551 -10.48 12.30 9.58
N TYR A 552 -11.73 12.38 9.09
CA TYR A 552 -12.84 12.02 9.82
C TYR A 552 -13.54 10.91 9.07
N THR A 553 -13.69 9.75 9.70
CA THR A 553 -14.31 8.61 9.03
C THR A 553 -15.34 7.96 9.85
N ASP A 554 -16.53 7.86 9.33
CA ASP A 554 -17.63 7.23 10.02
C ASP A 554 -17.99 6.00 9.20
N ILE A 555 -17.52 4.83 9.62
CA ILE A 555 -17.84 3.62 8.93
C ILE A 555 -18.76 2.67 9.79
N THR A 556 -19.74 2.04 9.15
CA THR A 556 -20.73 1.23 9.87
C THR A 556 -21.19 0.01 9.07
N TYR A 557 -21.42 -1.11 9.76
CA TYR A 557 -22.15 -2.21 9.15
C TYR A 557 -23.59 -1.79 9.10
N THR A 558 -24.05 -1.43 7.96
CA THR A 558 -25.45 -0.95 7.85
C THR A 558 -26.43 -2.13 7.69
N LYS A 559 -25.97 -3.24 7.21
CA LYS A 559 -26.76 -4.47 7.10
C LYS A 559 -25.86 -5.58 7.51
N SER A 560 -26.25 -6.31 8.55
CA SER A 560 -25.52 -7.49 9.00
C SER A 560 -26.52 -8.50 9.67
N LEU A 561 -26.29 -9.79 9.45
CA LEU A 561 -27.11 -10.88 9.98
C LEU A 561 -26.51 -11.39 11.30
N ASP A 562 -25.31 -10.98 11.68
CA ASP A 562 -24.53 -11.64 12.77
C ASP A 562 -24.63 -10.99 14.16
N GLY A 563 -25.56 -10.08 14.38
CA GLY A 563 -25.58 -9.27 15.63
C GLY A 563 -24.92 -7.89 15.62
N ASN A 564 -24.12 -7.62 14.62
CA ASN A 564 -23.31 -6.41 14.58
C ASN A 564 -23.83 -5.25 13.70
N GLN A 565 -25.06 -5.35 13.23
CA GLN A 565 -25.65 -4.32 12.43
C GLN A 565 -25.64 -3.03 13.22
N GLY A 566 -25.23 -1.91 12.61
CA GLY A 566 -25.06 -0.61 13.26
C GLY A 566 -23.74 -0.51 14.03
N HIS A 567 -22.91 -1.56 14.15
CA HIS A 567 -21.61 -1.39 14.81
C HIS A 567 -20.58 -0.77 13.82
N THR A 568 -19.44 -0.34 14.35
CA THR A 568 -18.33 0.23 13.60
C THR A 568 -17.29 -0.91 13.49
N PRO A 569 -16.83 -1.22 12.24
CA PRO A 569 -15.66 -2.09 12.07
C PRO A 569 -14.54 -1.69 13.00
N ASN A 570 -13.83 -2.68 13.46
CA ASN A 570 -12.67 -2.45 14.19
C ASN A 570 -11.56 -1.98 13.27
N GLN A 571 -10.45 -1.43 13.80
CA GLN A 571 -9.36 -0.92 12.96
C GLN A 571 -9.76 0.28 12.04
N ALA A 572 -10.76 1.06 12.50
CA ALA A 572 -11.25 2.18 11.77
C ALA A 572 -11.35 3.38 12.64
N PRO A 573 -10.26 4.10 12.86
CA PRO A 573 -10.42 5.31 13.70
C PRO A 573 -11.40 6.29 13.10
N LYS A 574 -12.15 6.92 13.97
CA LYS A 574 -12.98 7.97 13.56
C LYS A 574 -12.20 9.26 13.22
N HIS A 575 -11.09 9.53 13.92
CA HIS A 575 -10.30 10.77 13.79
C HIS A 575 -8.86 10.39 13.67
N MET A 576 -8.18 10.97 12.69
CA MET A 576 -6.74 10.87 12.56
C MET A 576 -6.23 12.25 12.11
N ALA A 577 -4.98 12.56 12.41
CA ALA A 577 -4.39 13.82 11.99
C ALA A 577 -2.92 13.65 11.99
N SER A 578 -2.26 14.53 11.27
CA SER A 578 -0.86 14.49 11.22
C SER A 578 -0.29 15.85 10.80
N LEU A 579 0.97 16.06 11.06
CA LEU A 579 1.66 17.35 10.76
C LEU A 579 3.14 16.99 10.66
N TRP A 580 3.82 17.32 9.56
CA TRP A 580 5.26 17.11 9.46
C TRP A 580 5.86 18.42 8.94
N ALA A 581 7.01 18.82 9.49
CA ALA A 581 7.74 20.05 9.03
C ALA A 581 9.20 19.75 8.83
N ASP A 582 9.82 20.37 7.83
CA ASP A 582 11.25 20.26 7.66
C ASP A 582 11.89 21.63 7.32
N TYR A 583 12.90 22.00 8.11
CA TYR A 583 13.62 23.30 7.96
C TYR A 583 15.06 23.13 7.51
N ALA A 584 15.47 23.77 6.41
CA ALA A 584 16.90 23.77 5.96
C ALA A 584 17.48 25.17 6.16
N PHE A 585 18.62 25.28 6.87
CA PHE A 585 19.37 26.55 6.93
C PHE A 585 20.22 26.61 5.64
N ASP A 586 20.13 27.71 4.92
CA ASP A 586 20.75 27.91 3.57
C ASP A 586 21.92 28.94 3.52
N ALA A 587 21.99 29.89 4.45
CA ALA A 587 23.19 30.79 4.51
C ALA A 587 23.59 30.94 5.97
N GLY A 588 24.80 31.42 6.21
CA GLY A 588 25.29 31.58 7.57
C GLY A 588 26.05 30.37 8.03
N PRO A 589 26.30 30.29 9.35
CA PRO A 589 27.20 29.24 9.86
C PRO A 589 26.59 27.85 9.70
N LEU A 590 25.28 27.76 9.92
CA LEU A 590 24.57 26.49 10.00
C LEU A 590 24.22 25.90 8.64
N SER A 591 24.50 26.60 7.57
CA SER A 591 24.06 26.08 6.29
C SER A 591 24.48 24.66 5.97
N GLY A 592 23.59 23.96 5.25
CA GLY A 592 23.72 22.50 5.01
C GLY A 592 23.00 21.67 6.06
N LEU A 593 22.61 22.30 7.16
CA LEU A 593 21.95 21.62 8.23
C LEU A 593 20.46 21.65 8.05
N SER A 594 19.76 20.56 8.39
CA SER A 594 18.30 20.61 8.36
C SER A 594 17.76 19.90 9.60
N ILE A 595 16.60 20.38 10.04
CA ILE A 595 15.93 19.88 11.20
C ILE A 595 14.48 19.67 10.80
N GLY A 596 13.90 18.55 11.22
CA GLY A 596 12.54 18.29 10.94
C GLY A 596 11.85 17.43 11.93
N GLY A 597 10.54 17.38 11.82
CA GLY A 597 9.81 16.34 12.52
C GLY A 597 8.34 16.50 12.43
N GLY A 598 7.63 15.64 13.16
CA GLY A 598 6.20 15.63 13.06
C GLY A 598 5.53 14.84 14.14
N ALA A 599 4.23 14.95 14.10
CA ALA A 599 3.45 14.20 15.00
C ALA A 599 2.27 13.54 14.23
N ARG A 600 1.94 12.32 14.62
CA ARG A 600 0.78 11.58 14.08
C ARG A 600 -0.20 11.23 15.18
N TYR A 601 -1.46 11.43 14.94
CA TYR A 601 -2.47 11.15 15.89
C TYR A 601 -3.40 10.10 15.29
N VAL A 602 -3.68 9.05 16.02
CA VAL A 602 -4.72 8.12 15.68
C VAL A 602 -5.72 8.08 16.82
N GLY A 603 -7.00 8.29 16.51
CA GLY A 603 -8.04 8.28 17.50
C GLY A 603 -8.33 6.84 17.99
N GLU A 604 -9.25 6.72 18.91
CA GLU A 604 -9.67 5.47 19.38
C GLU A 604 -10.18 4.59 18.31
N THR A 605 -10.01 3.34 18.55
CA THR A 605 -10.56 2.30 17.71
C THR A 605 -11.29 1.22 18.50
N TRP A 606 -12.29 0.58 17.93
CA TRP A 606 -12.83 -0.60 18.50
C TRP A 606 -11.83 -1.75 18.39
N ALA A 607 -11.58 -2.52 19.47
CA ALA A 607 -10.78 -3.74 19.32
C ALA A 607 -11.51 -4.89 18.58
N ASP A 608 -12.86 -4.88 18.54
CA ASP A 608 -13.63 -5.99 17.94
C ASP A 608 -14.89 -5.49 17.23
N LYS A 609 -15.41 -6.33 16.32
CA LYS A 609 -16.62 -6.03 15.54
C LYS A 609 -17.84 -5.99 16.45
N GLU A 610 -17.79 -6.68 17.58
CA GLU A 610 -18.89 -6.67 18.57
C GLU A 610 -18.87 -5.34 19.33
N ASN A 611 -17.76 -4.57 19.23
CA ASN A 611 -17.71 -3.21 19.82
C ASN A 611 -17.90 -3.33 21.37
N THR A 612 -17.06 -4.08 22.05
CA THR A 612 -17.13 -4.22 23.47
C THR A 612 -15.92 -3.58 24.13
N LEU A 613 -14.89 -3.19 23.40
CA LEU A 613 -13.67 -2.71 24.01
C LEU A 613 -12.92 -1.79 23.05
N ARG A 614 -12.39 -0.68 23.58
CA ARG A 614 -11.64 0.31 22.80
C ARG A 614 -10.14 0.07 22.85
N VAL A 615 -9.44 0.31 21.75
CA VAL A 615 -7.98 0.51 21.71
C VAL A 615 -7.77 2.03 21.95
N PRO A 616 -7.04 2.44 23.01
CA PRO A 616 -6.88 3.91 23.24
C PRO A 616 -6.28 4.62 22.04
N ASP A 617 -6.52 5.92 21.98
CA ASP A 617 -5.81 6.80 21.03
C ASP A 617 -4.30 6.94 21.33
N TYR A 618 -3.55 7.41 20.36
CA TYR A 618 -2.14 7.63 20.56
C TYR A 618 -1.64 8.72 19.65
N THR A 619 -0.69 9.48 20.17
CA THR A 619 0.01 10.51 19.44
C THR A 619 1.46 10.09 19.38
N LEU A 620 2.08 10.04 18.20
CA LEU A 620 3.48 9.65 18.05
C LEU A 620 4.24 10.82 17.52
N VAL A 621 5.54 10.88 17.85
CA VAL A 621 6.35 11.94 17.44
C VAL A 621 7.48 11.38 16.62
N ASP A 622 7.84 12.06 15.52
CA ASP A 622 9.01 11.70 14.69
C ASP A 622 9.97 12.90 14.64
N ALA A 623 11.26 12.66 14.39
CA ALA A 623 12.22 13.74 14.23
C ALA A 623 13.37 13.32 13.35
N ARG A 624 14.00 14.34 12.77
CA ARG A 624 15.16 14.15 11.90
C ARG A 624 16.13 15.35 12.06
N ILE A 625 17.38 15.08 11.81
CA ILE A 625 18.41 16.07 11.65
C ILE A 625 19.27 15.59 10.45
N GLY A 626 19.49 16.45 9.47
CA GLY A 626 20.39 16.18 8.34
C GLY A 626 21.50 17.23 8.15
N TYR A 627 22.64 16.81 7.66
CA TYR A 627 23.72 17.75 7.35
C TYR A 627 24.32 17.41 5.99
N ASP A 628 24.38 18.41 5.09
CA ASP A 628 25.15 18.28 3.84
C ASP A 628 26.61 18.66 4.06
N LEU A 629 27.46 17.65 4.12
CA LEU A 629 28.87 17.85 4.40
C LEU A 629 29.58 18.46 3.19
N GLY A 630 28.94 18.48 2.00
CA GLY A 630 29.45 19.25 0.82
C GLY A 630 29.93 20.65 1.16
N LYS A 631 29.23 21.25 2.13
CA LYS A 631 29.65 22.46 2.72
C LYS A 631 31.00 22.47 3.40
N LEU A 632 31.53 21.34 3.85
CA LEU A 632 32.91 21.25 4.30
C LEU A 632 33.86 20.83 3.19
N GLY A 633 33.42 20.99 1.94
CA GLY A 633 34.22 20.61 0.78
C GLY A 633 34.18 19.16 0.34
N LEU A 634 33.24 18.33 0.79
CA LEU A 634 33.12 16.96 0.18
C LEU A 634 31.78 16.81 -0.43
N LYS A 635 31.68 17.34 -1.66
CA LYS A 635 30.44 17.38 -2.43
C LYS A 635 29.85 15.98 -2.57
N GLY A 636 28.55 15.92 -2.42
CA GLY A 636 27.83 14.66 -2.56
C GLY A 636 27.79 13.74 -1.36
N LEU A 637 28.39 14.15 -0.24
CA LEU A 637 28.32 13.40 0.99
C LEU A 637 27.32 14.06 1.89
N ASP A 638 26.36 13.27 2.42
CA ASP A 638 25.45 13.75 3.44
C ASP A 638 25.05 12.72 4.49
N VAL A 639 24.62 13.17 5.67
CA VAL A 639 24.28 12.30 6.72
C VAL A 639 22.99 12.73 7.36
N SER A 640 22.27 11.77 7.94
CA SER A 640 21.06 12.10 8.63
C SER A 640 20.83 11.20 9.82
N LEU A 641 19.99 11.66 10.70
CA LEU A 641 19.65 10.90 11.85
C LEU A 641 18.17 11.02 11.92
N ASN A 642 17.51 9.87 12.05
CA ASN A 642 16.04 9.83 12.25
C ASN A 642 15.67 9.05 13.48
N ALA A 643 14.57 9.49 14.09
CA ALA A 643 13.93 8.73 15.18
C ALA A 643 12.46 8.78 14.89
N ASN A 644 11.85 7.62 14.63
CA ASN A 644 10.37 7.53 14.59
C ASN A 644 9.92 7.05 15.97
N ASN A 645 8.74 7.49 16.37
CA ASN A 645 8.26 7.25 17.75
C ASN A 645 9.38 7.64 18.79
N LEU A 646 9.74 8.91 18.70
CA LEU A 646 10.81 9.53 19.50
C LEU A 646 10.64 9.44 21.02
N LEU A 647 9.41 9.57 21.49
CA LEU A 647 9.09 9.39 22.91
C LEU A 647 8.95 7.94 23.28
N ASP A 648 9.26 7.04 22.36
CA ASP A 648 9.24 5.61 22.65
C ASP A 648 7.93 5.14 23.32
N LYS A 649 6.77 5.66 22.91
CA LYS A 649 5.49 5.19 23.39
C LYS A 649 5.27 3.66 23.16
N ASP A 650 4.77 3.00 24.19
CA ASP A 650 4.60 1.56 24.22
C ASP A 650 3.07 1.41 24.20
N TYR A 651 2.49 0.94 23.10
CA TYR A 651 1.06 1.05 22.91
C TYR A 651 0.61 -0.07 21.96
N VAL A 652 -0.68 -0.34 22.02
CA VAL A 652 -1.33 -1.20 21.09
C VAL A 652 -1.80 -0.37 19.90
N ALA A 653 -1.33 -0.76 18.74
CA ALA A 653 -1.70 -0.03 17.46
C ALA A 653 -3.16 -0.29 16.97
N SER A 654 -3.65 -1.52 17.09
CA SER A 654 -5.03 -1.90 16.70
C SER A 654 -5.26 -3.35 17.10
N CYS A 655 -6.48 -3.85 16.92
CA CYS A 655 -6.75 -5.26 17.10
C CYS A 655 -7.64 -5.74 15.98
N TYR A 656 -7.41 -6.92 15.47
CA TYR A 656 -8.29 -7.64 14.58
C TYR A 656 -9.51 -8.22 15.31
N SER A 657 -9.34 -8.69 16.55
CA SER A 657 -10.46 -9.19 17.44
C SER A 657 -9.89 -9.11 18.85
N LEU A 658 -10.65 -9.61 19.78
CA LEU A 658 -10.19 -9.69 21.21
C LEU A 658 -9.03 -10.67 21.47
N ASP A 659 -8.85 -11.61 20.54
CA ASP A 659 -7.67 -12.50 20.51
C ASP A 659 -6.40 -12.02 19.91
N PHE A 660 -6.50 -11.04 19.00
CA PHE A 660 -5.32 -10.60 18.28
C PHE A 660 -5.14 -9.10 18.25
N CYS A 661 -4.19 -8.62 19.04
CA CYS A 661 -3.85 -7.23 19.20
C CYS A 661 -2.40 -7.13 18.90
N TYR A 662 -2.01 -5.99 18.32
CA TYR A 662 -0.72 -5.75 17.83
C TYR A 662 -0.07 -4.55 18.46
N PHE A 663 1.20 -4.71 18.83
CA PHE A 663 1.93 -3.56 19.35
C PHE A 663 2.43 -2.66 18.25
N GLY A 664 2.44 -1.34 18.53
CA GLY A 664 3.13 -0.40 17.71
C GLY A 664 4.65 -0.52 17.75
N GLU A 665 5.34 -0.07 16.70
CA GLU A 665 6.84 -0.09 16.68
C GLU A 665 7.38 0.76 17.84
N LYS A 666 8.34 0.23 18.54
CA LYS A 666 9.04 1.09 19.57
C LYS A 666 9.82 2.20 18.89
N ARG A 667 10.63 2.94 19.65
CA ARG A 667 11.47 3.96 19.09
C ARG A 667 12.43 3.35 18.06
N ASN A 668 12.45 3.92 16.86
CA ASN A 668 13.31 3.43 15.80
C ASN A 668 14.24 4.57 15.40
N VAL A 669 15.53 4.34 15.66
CA VAL A 669 16.58 5.34 15.46
C VAL A 669 17.51 4.85 14.40
N THR A 670 17.71 5.65 13.34
CA THR A 670 18.62 5.26 12.26
C THR A 670 19.56 6.41 11.96
N ALA A 671 20.78 6.06 11.56
CA ALA A 671 21.78 6.96 11.06
C ALA A 671 22.16 6.56 9.65
N THR A 672 22.15 7.55 8.76
CA THR A 672 22.36 7.27 7.36
C THR A 672 23.45 8.10 6.75
N VAL A 673 24.26 7.47 5.90
CA VAL A 673 25.25 8.16 5.09
C VAL A 673 24.94 7.88 3.60
N ASN A 674 24.80 8.96 2.83
CA ASN A 674 24.64 8.94 1.41
C ASN A 674 25.85 9.53 0.67
N TYR A 675 26.41 8.79 -0.28
CA TYR A 675 27.49 9.26 -1.13
C TYR A 675 27.07 9.27 -2.58
N GLN A 676 26.92 10.49 -3.14
CA GLN A 676 26.85 10.71 -4.59
C GLN A 676 28.25 10.89 -5.18
N PHE A 677 28.50 10.39 -6.38
CA PHE A 677 29.72 10.68 -7.10
C PHE A 677 29.56 10.60 -8.60
FE 0UE B . -2.82 -14.55 8.77
O11 0UE B . -3.62 -15.39 7.23
O12 0UE B . -1.71 -13.57 7.60
O21 0UE B . -4.18 -13.31 9.02
O22 0UE B . -2.08 -13.25 10.00
O31 0UE B . -3.89 -15.84 9.84
O32 0UE B . -1.21 -15.50 9.34
N11 0UE B . -3.22 -14.87 5.87
C11 0UE B . -1.68 -13.90 6.23
C12 0UE B . -0.92 -13.23 5.44
C13 0UE B . -1.53 -12.49 4.31
C14 0UE B . -2.81 -11.67 4.47
O13 0UE B . -3.68 -11.74 3.63
N12 0UE B . -3.02 -10.89 5.62
C15 0UE B . -4.35 -10.11 5.56
C16 0UE B . -5.60 -10.92 6.09
C18 0UE B . -4.88 -10.18 8.72
C17 0UE B . -6.02 -10.22 7.53
C19 0UE B . -5.16 -11.41 9.80
N21 0UE B . -4.49 -12.20 9.95
C21 0UE B . -2.73 -11.91 10.28
C22 0UE B . -2.47 -10.84 10.98
C23 0UE B . -1.25 -11.17 11.91
C24 0UE B . -1.88 -12.06 13.07
O23 0UE B . -2.99 -11.76 13.61
N22 0UE B . -1.05 -13.21 13.43
C25 0UE B . -1.57 -14.14 14.47
C26 0UE B . -1.81 -15.47 13.66
C27 0UE B . -3.31 -15.68 13.20
C28 0UE B . -3.19 -17.24 12.85
C29 0UE B . -3.61 -17.88 11.48
N31 0UE B . -3.05 -16.90 10.56
C31 0UE B . -1.43 -16.83 10.05
C32 0UE B . -0.49 -17.72 10.65
C39 0UE B . -3.79 -14.87 5.02
C40 0UE B . -3.68 -16.27 4.29
C41 0UE B . -4.91 -17.29 4.56
C42 0UE B . -4.34 -18.77 4.34
C43 0UE B . -5.42 -19.82 4.89
N44 0UE B . -4.60 -21.02 5.31
C1 BNG C . -8.95 13.25 22.30
C1' BNG C . -7.03 14.67 22.02
C2' BNG C . -5.56 14.27 21.98
C3' BNG C . -4.68 15.29 21.24
C4' BNG C . -4.78 15.29 19.70
C5' BNG C . -3.41 15.47 19.03
C6' BNG C . -3.48 16.03 17.60
C7' BNG C . -2.11 16.51 17.06
C8' BNG C . -1.86 16.06 15.60
C9' BNG C . -0.70 16.79 14.99
O1 BNG C . -7.77 13.80 22.91
O5 BNG C . -10.03 13.28 23.22
C1 BNG D . 22.05 -9.84 7.89
C2 BNG D . 23.33 -10.18 8.67
C3 BNG D . 23.00 -11.17 9.81
C4 BNG D . 21.77 -10.75 10.64
C5 BNG D . 20.62 -10.25 9.77
C6 BNG D . 19.40 -9.75 10.56
C1' BNG D . 22.49 -7.63 6.79
C2' BNG D . 22.82 -7.12 5.38
C3' BNG D . 23.88 -6.04 5.41
C4' BNG D . 24.26 -5.42 4.05
C5' BNG D . 24.65 -6.41 2.92
C6' BNG D . 25.32 -5.76 1.67
C7' BNG D . 24.41 -5.59 0.42
C8' BNG D . 25.07 -4.93 -0.80
C9' BNG D . 24.11 -4.66 -1.93
O1 BNG D . 22.23 -9.03 6.69
O2 BNG D . 24.38 -10.77 7.88
O3 BNG D . 24.12 -11.32 10.69
O4 BNG D . 21.33 -11.88 11.40
O5 BNG D . 21.13 -9.26 8.84
O6 BNG D . 19.72 -8.80 11.58
C1 BNG E . 0.05 -0.83 -28.50
C2 BNG E . 1.54 -1.01 -28.30
C3 BNG E . 2.11 -1.83 -29.45
C4 BNG E . 1.93 -1.09 -30.79
C5 BNG E . 0.50 -0.52 -30.95
C6 BNG E . -0.16 -0.91 -32.28
C1' BNG E . -1.95 -2.12 -28.21
C2' BNG E . -2.90 -0.95 -27.97
C3' BNG E . -4.26 -1.37 -28.44
C4' BNG E . -5.41 -1.14 -27.46
C5' BNG E . -6.62 -1.88 -28.02
C6' BNG E . -7.85 -1.34 -27.29
C7' BNG E . -8.98 -2.36 -27.16
C8' BNG E . -9.88 -2.47 -28.39
C9' BNG E . -11.34 -2.53 -27.99
O1 BNG E . -0.64 -1.82 -27.75
O2 BNG E . 2.21 0.23 -28.29
O3 BNG E . 1.43 -3.11 -29.42
O4 BNG E . 2.91 -0.03 -30.95
O5 BNG E . -0.38 -0.93 -29.88
O6 BNG E . -0.12 0.22 -33.15
C1 BNG F . -17.64 -16.01 -20.72
C2 BNG F . -16.83 -15.61 -19.45
C3 BNG F . -17.64 -15.10 -18.23
C4 BNG F . -19.05 -14.57 -18.57
C5 BNG F . -19.71 -15.51 -19.58
C6 BNG F . -21.23 -15.28 -19.75
C1' BNG F . -15.75 -14.97 -22.03
C2' BNG F . -15.09 -14.96 -23.40
C3' BNG F . -13.57 -14.94 -23.32
C4' BNG F . -13.04 -13.72 -22.54
C5' BNG F . -12.83 -12.53 -23.46
C6' BNG F . -13.95 -11.49 -23.45
C7' BNG F . -13.95 -10.62 -24.72
C8' BNG F . -12.84 -9.56 -24.81
C9' BNG F . -12.53 -9.17 -26.25
O1 BNG F . -16.93 -15.78 -21.97
O2 BNG F . -16.03 -16.78 -19.11
O3 BNG F . -16.80 -14.12 -17.54
O4 BNG F . -19.90 -14.51 -17.42
O5 BNG F . -18.91 -15.35 -20.78
O6 BNG F . -21.67 -15.39 -21.11
C1 BNG G . -0.28 -21.09 -15.30
C2 BNG G . -1.58 -21.10 -16.14
C3 BNG G . -1.55 -22.09 -17.28
C4 BNG G . -1.01 -23.45 -16.81
C5 BNG G . 0.32 -23.35 -16.00
C6 BNG G . 1.53 -24.09 -16.63
C1' BNG G . -0.40 -18.72 -14.60
C2' BNG G . 0.09 -17.46 -15.28
C3' BNG G . 0.14 -17.61 -16.82
C4' BNG G . 1.53 -17.83 -17.40
C5' BNG G . 1.59 -18.60 -18.73
C6' BNG G . 0.48 -18.35 -19.76
C7' BNG G . 0.28 -16.86 -20.10
C8' BNG G . 0.06 -16.60 -21.60
C9' BNG G . -1.11 -15.67 -21.86
O1 BNG G . 0.35 -19.81 -15.16
O2 BNG G . -2.69 -21.50 -15.36
O3 BNG G . -0.77 -21.50 -18.31
O4 BNG G . -2.03 -24.08 -16.03
O5 BNG G . 0.73 -21.98 -15.84
O6 BNG G . 1.60 -25.46 -16.22
C1 BNG H . 29.88 2.69 -19.36
C2 BNG H . 30.75 3.88 -18.99
C3 BNG H . 30.15 5.09 -19.68
C4 BNG H . 30.07 4.88 -21.20
C5 BNG H . 29.87 3.43 -21.70
C6 BNG H . 30.70 3.28 -22.98
C1' BNG H . 29.10 0.60 -18.42
C2' BNG H . 27.85 1.05 -17.67
C3' BNG H . 27.57 0.24 -16.42
C4' BNG H . 27.06 -1.19 -16.67
C5' BNG H . 25.62 -1.27 -17.16
C6' BNG H . 24.71 -2.15 -16.28
C7' BNG H . 23.47 -2.58 -17.08
C8' BNG H . 22.29 -3.03 -16.21
C9' BNG H . 21.00 -3.05 -17.00
O1 BNG H . 30.11 1.61 -18.45
O2 BNG H . 30.86 4.05 -17.56
O3 BNG H . 30.92 6.27 -19.44
O4 BNG H . 29.00 5.69 -21.70
O5 BNG H . 30.18 2.38 -20.74
O6 BNG H . 30.40 2.09 -23.72
C1 BNG I . -4.24 -10.81 -24.70
C2 BNG I . -3.93 -12.06 -23.85
C3 BNG I . -5.04 -13.09 -24.11
C4 BNG I . -6.36 -12.46 -23.68
C5 BNG I . -6.60 -11.19 -24.51
C6 BNG I . -7.93 -10.53 -24.16
C1' BNG I . -2.96 -9.03 -25.71
C2' BNG I . -1.64 -8.29 -25.51
C3' BNG I . -0.37 -8.98 -26.11
C4' BNG I . 0.49 -9.77 -25.09
C5' BNG I . 2.01 -9.53 -25.06
C6' BNG I . 2.80 -10.82 -24.85
C7' BNG I . 4.06 -10.76 -23.96
C8' BNG I . 4.58 -12.15 -23.57
C9' BNG I . 5.46 -12.85 -24.62
O1 BNG I . -3.27 -9.76 -24.53
O2 BNG I . -2.63 -12.62 -24.12
O3 BNG I . -4.79 -14.34 -23.45
O4 BNG I . -7.48 -13.34 -23.84
O5 BNG I . -5.51 -10.27 -24.32
O6 BNG I . -8.86 -10.75 -25.22
C1 BNG J . -26.98 7.24 -1.22
C2 BNG J . -26.38 5.85 -1.57
C3 BNG J . -27.46 4.74 -1.47
C4 BNG J . -28.81 5.22 -0.91
C5 BNG J . -28.67 6.23 0.25
C6 BNG J . -28.34 5.64 1.63
C1' BNG J . -26.33 9.47 -0.44
C2' BNG J . -25.17 10.47 -0.46
C3' BNG J . -25.44 11.58 -1.44
C4' BNG J . -24.18 12.30 -1.87
C5' BNG J . -23.48 13.03 -0.72
C6' BNG J . -21.97 12.83 -0.76
C7' BNG J . -21.25 13.71 0.25
C8' BNG J . -20.77 13.03 1.55
C9' BNG J . -21.82 12.78 2.61
O1 BNG J . -25.98 8.29 -1.18
O2 BNG J . -25.72 5.78 -2.86
O3 BNG J . -27.02 3.69 -0.60
O4 BNG J . -29.58 5.77 -2.01
O5 BNG J . -27.63 7.20 0.06
O6 BNG J . -28.96 4.37 1.87
C1' BNG K . -27.18 3.22 -7.60
C2' BNG K . -26.26 3.80 -8.65
C3' BNG K . -27.03 4.07 -9.94
C4' BNG K . -27.24 5.57 -10.12
C5' BNG K . -26.06 6.14 -10.87
C6' BNG K . -25.87 7.64 -10.69
C7' BNG K . -25.07 8.19 -11.87
C8' BNG K . -24.64 9.64 -11.72
C9' BNG K . -25.51 10.60 -12.51
O1 BNG K . -27.32 1.81 -7.82
C1 BNG L . -19.73 21.56 -5.28
C2 BNG L . -20.27 20.90 -6.57
C3 BNG L . -21.65 21.46 -7.00
C4 BNG L . -21.92 22.87 -6.45
C5 BNG L . -21.73 22.88 -4.93
C6 BNG L . -23.06 22.74 -4.23
C1' BNG L . -18.08 21.49 -3.43
C2' BNG L . -17.43 20.60 -2.34
C3' BNG L . -16.69 21.31 -1.19
C4' BNG L . -16.28 20.33 -0.06
C5' BNG L . -15.28 20.86 0.97
C6' BNG L . -15.81 21.59 2.20
C7' BNG L . -14.66 22.14 3.04
C8' BNG L . -14.94 22.14 4.53
C9' BNG L . -13.82 22.76 5.35
O1 BNG L . -18.68 20.81 -4.58
O2 BNG L . -19.39 21.09 -7.68
O3 BNG L . -22.76 20.64 -6.60
O4 BNG L . -21.07 23.84 -7.09
O5 BNG L . -20.90 21.81 -4.47
O6 BNG L . -23.61 21.46 -4.56
C1 BNG M . -21.06 25.28 -20.23
C2 BNG M . -20.29 26.51 -20.72
C3 BNG M . -20.84 26.95 -22.08
C4 BNG M . -22.30 26.53 -22.39
C5 BNG M . -23.19 26.17 -21.17
C6 BNG M . -24.31 25.18 -21.56
C1' BNG M . -20.44 22.94 -20.53
C2' BNG M . -21.67 22.15 -20.10
C3' BNG M . -22.01 22.24 -18.61
C4' BNG M . -22.88 21.02 -18.23
C5' BNG M . -23.49 21.11 -16.84
C6' BNG M . -22.52 20.74 -15.72
C7' BNG M . -23.01 19.58 -14.84
C8' BNG M . -22.37 19.62 -13.46
C9' BNG M . -22.19 18.23 -12.92
O1 BNG M . -20.82 24.17 -21.15
O2 BNG M . -20.36 27.56 -19.75
O3 BNG M . -19.97 26.39 -23.07
O4 BNG M . -22.99 27.59 -23.08
O5 BNG M . -22.45 25.63 -20.06
O6 BNG M . -25.14 25.68 -22.61
C1 BNG N . -16.15 6.85 17.80
C2 BNG N . -16.27 5.36 17.39
C3 BNG N . -17.54 5.06 16.72
C4 BNG N . -18.57 5.35 17.65
C5 BNG N . -18.59 6.83 18.00
C6 BNG N . -19.75 7.17 18.92
C1' BNG N . -14.92 8.70 18.40
C2' BNG N . -13.93 9.41 19.29
C3' BNG N . -14.47 10.81 19.64
C4' BNG N . -13.46 11.64 20.44
C5' BNG N . -13.18 13.05 19.87
C6' BNG N . -11.71 13.23 19.48
C7' BNG N . -11.41 14.48 18.67
C8' BNG N . -9.91 14.54 18.38
C9' BNG N . -9.57 15.29 17.10
O1 BNG N . -14.96 7.26 18.53
O2 BNG N . -15.20 4.93 16.61
O3 BNG N . -17.98 3.74 16.71
O4 BNG N . -19.55 4.99 16.69
O5 BNG N . -17.33 7.29 18.55
O6 BNG N . -19.56 8.58 19.19
C1 BNG O . 17.80 4.22 22.44
C2 BNG O . 16.93 3.22 21.67
C3 BNG O . 17.33 1.81 22.11
C4 BNG O . 18.81 1.67 21.80
C5 BNG O . 19.59 2.69 22.64
C6 BNG O . 21.10 2.45 22.50
C1' BNG O . 18.10 6.57 22.80
C2' BNG O . 18.34 7.79 21.91
C3' BNG O . 17.14 8.74 21.92
C4' BNG O . 17.41 10.00 21.12
C5' BNG O . 16.93 9.88 19.69
C6' BNG O . 17.72 10.72 18.70
C7' BNG O . 16.86 11.73 17.95
C8' BNG O . 17.52 12.09 16.63
C9' BNG O . 16.72 13.03 15.71
O1 BNG O . 17.44 5.54 22.04
O2 BNG O . 15.59 3.48 22.00
O3 BNG O . 16.66 0.72 21.50
O4 BNG O . 19.19 0.31 22.04
O5 BNG O . 19.21 4.02 22.25
O6 BNG O . 21.74 3.61 23.04
C1 GOL P . -1.63 16.61 -3.13
O1 GOL P . -2.56 16.72 -2.05
C2 GOL P . -0.24 16.17 -2.73
O2 GOL P . -0.37 14.97 -1.98
C3 GOL P . 0.62 15.98 -3.99
O3 GOL P . 1.99 15.96 -3.54
C1 GOL Q . 12.31 -14.88 11.57
O1 GOL Q . 12.23 -14.23 12.79
C2 GOL Q . 10.94 -14.63 10.95
O2 GOL Q . 9.83 -14.61 11.84
C3 GOL Q . 10.70 -15.76 10.04
O3 GOL Q . 12.00 -15.92 9.46
C1 GOL R . -9.30 -22.84 17.01
O1 GOL R . -10.11 -23.91 17.49
C2 GOL R . -8.70 -23.21 15.64
O2 GOL R . -9.27 -22.42 14.58
C3 GOL R . -7.22 -22.93 15.59
O3 GOL R . -6.80 -23.41 14.33
C1 GOL S . -14.01 -3.69 7.15
O1 GOL S . -13.03 -2.78 7.60
C2 GOL S . -14.35 -3.38 5.72
O2 GOL S . -13.25 -3.83 4.89
C3 GOL S . -15.70 -3.96 5.38
O3 GOL S . -15.70 -4.67 4.13
C1 GOL T . -12.14 -14.23 -18.25
O1 GOL T . -11.13 -13.20 -18.33
C2 GOL T . -11.85 -15.31 -19.28
O2 GOL T . -10.79 -16.19 -18.89
C3 GOL T . -13.08 -16.18 -19.45
O3 GOL T . -12.98 -16.86 -20.70
C1 GOL U . -3.96 -28.42 -10.22
O1 GOL U . -4.86 -27.70 -11.08
C2 GOL U . -2.53 -28.37 -10.69
O2 GOL U . -2.39 -27.49 -11.88
C3 GOL U . -1.61 -28.03 -9.51
O3 GOL U . -0.58 -29.06 -9.25
C1 GOL V . 2.18 4.32 -11.69
O1 GOL V . 1.89 3.00 -11.09
C2 GOL V . 3.27 4.48 -12.77
O2 GOL V . 3.02 3.73 -13.98
C3 GOL V . 3.32 5.85 -13.38
O3 GOL V . 4.43 5.91 -14.31
C1 GOL W . 15.89 9.24 -7.43
O1 GOL W . 16.94 9.27 -6.43
C2 GOL W . 16.30 9.83 -8.79
O2 GOL W . 15.37 9.42 -9.84
C3 GOL W . 16.45 11.33 -8.64
O3 GOL W . 17.52 11.55 -7.70
S SO4 X . 4.93 -32.05 4.77
O1 SO4 X . 4.12 -31.29 5.76
O2 SO4 X . 5.49 -33.25 5.47
O3 SO4 X . 6.03 -31.18 4.24
O4 SO4 X . 4.16 -32.54 3.59
S SO4 Y . 6.49 9.42 -14.33
O1 SO4 Y . 5.32 8.52 -14.70
O2 SO4 Y . 6.59 9.78 -12.80
O3 SO4 Y . 7.72 8.66 -14.64
O4 SO4 Y . 6.32 10.68 -15.22
S SO4 Z . 17.37 3.78 1.95
O1 SO4 Z . 17.82 4.83 2.95
O2 SO4 Z . 16.82 2.61 2.69
O3 SO4 Z . 18.49 3.27 1.11
O4 SO4 Z . 16.30 4.36 1.10
S SO4 AA . -7.64 -3.09 33.87
O1 SO4 AA . -8.52 -4.28 33.69
O2 SO4 AA . -7.96 -2.50 35.19
O3 SO4 AA . -7.97 -2.11 32.80
O4 SO4 AA . -6.18 -3.41 33.79
NA NA BA . -11.55 10.15 -4.96
NA NA CA . 12.19 -8.78 5.28
#